data_9K05
#
_entry.id   9K05
#
_cell.length_a   102.854
_cell.length_b   112.294
_cell.length_c   71.343
_cell.angle_alpha   90.000
_cell.angle_beta   106.329
_cell.angle_gamma   90.000
#
_symmetry.space_group_name_H-M   'C 1 2 1'
#
loop_
_entity.id
_entity.type
_entity.pdbx_description
1 polymer 'Phosphoribosylformylglycinamidine cyclo-ligase'
2 non-polymer N-(N-FORMYLGLYCYL)-5-O-PHOSPHONO-BETA-D-RIBOFURANOSYLAMINE
3 non-polymer 'ADENOSINE MONOPHOSPHATE'
4 water water
#
_entity_poly.entity_id   1
_entity_poly.type   'polypeptide(L)'
_entity_poly.pdbx_seq_one_letter_code
;MLTYAQAGVDEEKTARALREIIRTARETFKLRKGKVGEPGDIGHYAALLDFGNFYLAMTTDGVGTKVLVAEAVGKFDTIG
IDMIAMNVNDLLCVGAEPLALVDYFAVKEPNEEVFKQVAKGLYKGAEEAGVAIVGGETAVMPDLINGYDLAGTAIGIVEK
GKVITGERIRPGDSVIGISSSGIHSAGLTLARKLLIPKYGLDYEYEGRKLWEWLLEPTRIYVRPILELINSVEVHGLAHI
TGGGLLNLKRLTNYGFELEMPPIEGIFKLIHENGVPLDEMFRVFNMGVGFIVVVPQEEKEEALEILSRHYKSYELGNVTR
ELGKIKVKNYGITL
;
_entity_poly.pdbx_strand_id   A,B
#
# COMPACT_ATOMS: atom_id res chain seq x y z
N MET A 1 -14.33 -10.00 -27.25
CA MET A 1 -13.80 -8.89 -28.02
C MET A 1 -12.41 -9.21 -28.54
N LEU A 2 -11.49 -8.24 -28.39
CA LEU A 2 -10.13 -8.42 -28.86
C LEU A 2 -9.07 -7.98 -27.86
N THR A 3 -9.17 -6.76 -27.31
CA THR A 3 -8.01 -6.18 -26.64
C THR A 3 -8.28 -5.81 -25.18
N TYR A 4 -7.18 -5.63 -24.46
CA TYR A 4 -7.24 -5.25 -23.05
C TYR A 4 -7.92 -3.88 -22.89
N ALA A 5 -7.65 -2.96 -23.81
CA ALA A 5 -8.30 -1.65 -23.78
C ALA A 5 -9.82 -1.77 -23.89
N GLN A 6 -10.31 -2.55 -24.86
CA GLN A 6 -11.76 -2.73 -24.98
C GLN A 6 -12.35 -3.43 -23.76
N ALA A 7 -11.56 -4.26 -23.07
CA ALA A 7 -12.03 -4.90 -21.85
C ALA A 7 -12.15 -3.92 -20.69
N GLY A 8 -11.56 -2.74 -20.81
CA GLY A 8 -11.66 -1.71 -19.78
C GLY A 8 -10.34 -1.22 -19.23
N VAL A 9 -9.20 -1.78 -19.63
CA VAL A 9 -7.89 -1.40 -19.09
C VAL A 9 -7.04 -0.91 -20.26
N ASP A 10 -7.02 0.41 -20.45
CA ASP A 10 -6.28 1.05 -21.54
C ASP A 10 -4.92 1.48 -20.99
N GLU A 11 -3.89 0.69 -21.28
CA GLU A 11 -2.56 0.97 -20.74
C GLU A 11 -2.00 2.28 -21.29
N GLU A 12 -2.30 2.59 -22.55
CA GLU A 12 -1.85 3.86 -23.13
C GLU A 12 -2.47 5.04 -22.41
N LYS A 13 -3.79 4.98 -22.14
CA LYS A 13 -4.43 6.06 -21.41
C LYS A 13 -3.90 6.16 -19.99
N THR A 14 -3.71 5.02 -19.34
CA THR A 14 -3.20 5.03 -17.96
C THR A 14 -1.85 5.73 -17.89
N ALA A 15 -0.95 5.42 -18.83
CA ALA A 15 0.37 6.04 -18.84
C ALA A 15 0.25 7.55 -19.02
N ARG A 16 -0.65 7.98 -19.90
CA ARG A 16 -0.90 9.40 -20.12
C ARG A 16 -1.35 10.10 -18.84
N ALA A 17 -2.33 9.54 -18.14
CA ALA A 17 -2.80 10.14 -16.90
C ALA A 17 -1.71 10.15 -15.84
N LEU A 18 -0.86 9.14 -15.83
CA LEU A 18 0.15 9.00 -14.78
C LEU A 18 1.30 9.99 -14.94
N ARG A 19 1.48 10.58 -16.14
CA ARG A 19 2.64 11.44 -16.34
C ARG A 19 2.70 12.57 -15.32
N GLU A 20 1.54 13.12 -14.94
CA GLU A 20 1.54 14.21 -13.97
C GLU A 20 1.94 13.72 -12.58
N ILE A 21 1.51 12.52 -12.19
CA ILE A 21 1.90 12.00 -10.89
C ILE A 21 3.39 11.70 -10.85
N ILE A 22 3.92 11.08 -11.91
CA ILE A 22 5.34 10.73 -11.94
C ILE A 22 6.21 11.98 -11.96
N ARG A 23 5.80 13.00 -12.70
CA ARG A 23 6.56 14.26 -12.70
C ARG A 23 6.57 14.88 -11.31
N THR A 24 5.42 14.91 -10.64
CA THR A 24 5.36 15.43 -9.29
C THR A 24 6.25 14.63 -8.34
N ALA A 25 6.15 13.30 -8.42
CA ALA A 25 7.01 12.43 -7.62
C ALA A 25 8.48 12.80 -7.81
N ARG A 26 8.93 12.93 -9.06
CA ARG A 26 10.34 13.25 -9.29
C ARG A 26 10.72 14.60 -8.68
N GLU A 27 9.79 15.56 -8.64
CA GLU A 27 10.07 16.83 -7.98
C GLU A 27 10.34 16.67 -6.49
N THR A 28 9.75 15.65 -5.84
CA THR A 28 9.95 15.46 -4.41
C THR A 28 11.28 14.82 -4.05
N PHE A 29 12.01 14.25 -5.02
CA PHE A 29 13.27 13.57 -4.70
C PHE A 29 14.22 14.51 -3.96
N LYS A 30 14.22 15.80 -4.32
CA LYS A 30 15.15 16.75 -3.73
C LYS A 30 14.93 16.93 -2.23
N LEU A 31 13.75 16.57 -1.72
CA LEU A 31 13.48 16.69 -0.29
C LEU A 31 14.34 15.76 0.54
N ARG A 32 14.88 14.68 -0.03
CA ARG A 32 15.80 13.81 0.67
C ARG A 32 17.21 13.85 0.08
N LYS A 33 17.52 14.88 -0.70
CA LYS A 33 18.86 14.98 -1.30
C LYS A 33 19.93 15.01 -0.23
N GLY A 34 20.93 14.15 -0.39
CA GLY A 34 22.05 14.09 0.54
C GLY A 34 21.70 13.60 1.91
N LYS A 35 20.56 12.94 2.08
CA LYS A 35 20.11 12.48 3.38
C LYS A 35 19.78 11.00 3.30
N VAL A 36 19.63 10.38 4.47
CA VAL A 36 19.23 8.98 4.52
C VAL A 36 17.91 8.83 3.76
N GLY A 37 17.81 7.75 3.00
CA GLY A 37 16.64 7.48 2.20
C GLY A 37 16.60 8.12 0.84
N GLU A 38 17.67 8.78 0.41
CA GLU A 38 17.66 9.46 -0.88
C GLU A 38 17.32 8.46 -1.99
N PRO A 39 16.32 8.75 -2.82
CA PRO A 39 15.84 7.77 -3.80
C PRO A 39 16.56 7.83 -5.15
N GLY A 40 16.47 6.71 -5.88
CA GLY A 40 16.83 6.67 -7.29
C GLY A 40 15.66 7.08 -8.15
N ASP A 41 15.75 6.78 -9.44
CA ASP A 41 14.65 7.22 -10.29
C ASP A 41 13.49 6.24 -10.27
N ILE A 42 12.34 6.74 -10.70
CA ILE A 42 11.10 5.99 -10.85
C ILE A 42 11.12 5.31 -12.20
N GLY A 43 10.45 4.16 -12.32
CA GLY A 43 10.33 3.50 -13.60
C GLY A 43 10.71 2.04 -13.53
N HIS A 44 11.52 1.68 -12.53
CA HIS A 44 11.94 0.30 -12.40
C HIS A 44 10.94 -0.50 -11.54
N TYR A 45 11.29 -1.75 -11.26
CA TYR A 45 10.42 -2.64 -10.52
C TYR A 45 10.28 -2.26 -9.05
N ALA A 46 11.25 -1.53 -8.51
CA ALA A 46 11.19 -1.09 -7.12
C ALA A 46 11.94 0.22 -7.01
N ALA A 47 11.66 0.97 -5.96
CA ALA A 47 12.46 2.15 -5.66
C ALA A 47 13.65 1.71 -4.84
N LEU A 48 14.79 2.39 -5.04
CA LEU A 48 16.00 2.15 -4.27
C LEU A 48 16.29 3.37 -3.41
N LEU A 49 16.39 3.16 -2.11
CA LEU A 49 16.63 4.24 -1.15
C LEU A 49 17.98 4.05 -0.51
N ASP A 50 18.79 5.11 -0.51
CA ASP A 50 20.18 5.04 -0.05
C ASP A 50 20.23 5.08 1.48
N PHE A 51 20.61 3.96 2.09
CA PHE A 51 20.85 3.92 3.53
C PHE A 51 22.33 3.76 3.86
N GLY A 52 23.22 4.16 2.96
CA GLY A 52 24.64 4.17 3.27
C GLY A 52 25.40 2.96 2.76
N ASN A 53 25.45 1.89 3.55
CA ASN A 53 26.08 0.66 3.09
C ASN A 53 25.16 -0.20 2.23
N PHE A 54 23.86 0.10 2.20
CA PHE A 54 22.92 -0.70 1.45
C PHE A 54 21.80 0.19 0.94
N TYR A 55 21.06 -0.33 -0.05
CA TYR A 55 19.81 0.24 -0.49
C TYR A 55 18.65 -0.56 0.12
N LEU A 56 17.62 0.15 0.53
CA LEU A 56 16.32 -0.44 0.75
C LEU A 56 15.54 -0.37 -0.55
N ALA A 57 14.98 -1.49 -0.96
CA ALA A 57 14.12 -1.52 -2.14
C ALA A 57 12.68 -1.53 -1.65
N MET A 58 11.82 -0.77 -2.33
CA MET A 58 10.44 -0.66 -1.87
C MET A 58 9.53 -0.73 -3.08
N THR A 59 8.46 -1.53 -2.99
CA THR A 59 7.56 -1.70 -4.11
C THR A 59 6.15 -1.89 -3.59
N THR A 60 5.16 -1.58 -4.42
CA THR A 60 3.76 -1.77 -4.04
C THR A 60 2.99 -2.35 -5.22
N ASP A 61 2.11 -3.32 -4.95
CA ASP A 61 1.44 -4.10 -5.98
C ASP A 61 0.11 -4.58 -5.41
N GLY A 62 -0.93 -4.60 -6.25
CA GLY A 62 -2.18 -5.23 -5.92
C GLY A 62 -2.40 -6.51 -6.73
N VAL A 63 -3.45 -7.24 -6.35
CA VAL A 63 -3.79 -8.47 -7.06
C VAL A 63 -4.58 -8.17 -8.34
N GLY A 64 -5.41 -7.14 -8.37
CA GLY A 64 -6.30 -6.91 -9.51
C GLY A 64 -7.63 -7.63 -9.37
N THR A 65 -8.32 -7.79 -10.51
CA THR A 65 -9.70 -8.29 -10.47
C THR A 65 -9.78 -9.81 -10.36
N LYS A 66 -8.65 -10.49 -10.21
CA LYS A 66 -8.67 -11.87 -9.76
C LYS A 66 -9.58 -12.09 -8.55
N VAL A 67 -9.71 -11.07 -7.68
CA VAL A 67 -10.52 -11.20 -6.48
C VAL A 67 -12.01 -11.40 -6.78
N LEU A 68 -12.47 -11.02 -7.98
CA LEU A 68 -13.86 -11.26 -8.34
C LEU A 68 -14.13 -12.74 -8.64
N VAL A 69 -13.15 -13.46 -9.15
CA VAL A 69 -13.31 -14.90 -9.28
C VAL A 69 -13.30 -15.56 -7.90
N ALA A 70 -12.34 -15.20 -7.06
CA ALA A 70 -12.25 -15.75 -5.72
C ALA A 70 -13.56 -15.61 -4.97
N GLU A 71 -14.20 -14.46 -5.10
CA GLU A 71 -15.43 -14.21 -4.37
C GLU A 71 -16.54 -15.15 -4.82
N ALA A 72 -16.68 -15.32 -6.15
CA ALA A 72 -17.77 -16.14 -6.69
C ALA A 72 -17.72 -17.57 -6.15
N VAL A 73 -16.54 -18.13 -5.98
CA VAL A 73 -16.42 -19.52 -5.54
C VAL A 73 -16.10 -19.62 -4.05
N GLY A 74 -16.15 -18.51 -3.32
CA GLY A 74 -15.90 -18.54 -1.90
C GLY A 74 -14.54 -19.10 -1.57
N LYS A 75 -13.51 -18.71 -2.34
CA LYS A 75 -12.14 -19.21 -2.13
C LYS A 75 -11.18 -18.03 -2.28
N PHE A 76 -10.95 -17.34 -1.17
CA PHE A 76 -9.88 -16.36 -1.05
C PHE A 76 -8.61 -16.98 -0.51
N ASP A 77 -8.57 -18.32 -0.41
CA ASP A 77 -7.50 -19.04 0.27
C ASP A 77 -6.13 -18.84 -0.38
N THR A 78 -6.07 -18.41 -1.63
CA THR A 78 -4.78 -18.19 -2.27
C THR A 78 -4.60 -16.77 -2.80
N ILE A 79 -5.54 -15.87 -2.56
CA ILE A 79 -5.38 -14.49 -3.00
C ILE A 79 -4.22 -13.82 -2.26
N GLY A 80 -4.00 -14.21 -1.00
CA GLY A 80 -2.86 -13.67 -0.28
C GLY A 80 -1.54 -14.09 -0.89
N ILE A 81 -1.49 -15.29 -1.48
CA ILE A 81 -0.28 -15.71 -2.20
C ILE A 81 -0.04 -14.78 -3.37
N ASP A 82 -1.09 -14.51 -4.15
CA ASP A 82 -0.97 -13.59 -5.28
C ASP A 82 -0.37 -12.26 -4.85
N MET A 83 -0.90 -11.68 -3.76
CA MET A 83 -0.44 -10.35 -3.36
C MET A 83 1.02 -10.40 -2.94
N ILE A 84 1.40 -11.40 -2.13
CA ILE A 84 2.79 -11.49 -1.70
C ILE A 84 3.69 -11.73 -2.89
N ALA A 85 3.29 -12.63 -3.80
CA ALA A 85 4.12 -12.95 -4.93
C ALA A 85 4.38 -11.74 -5.81
N MET A 86 3.35 -10.94 -6.08
CA MET A 86 3.59 -9.80 -6.96
C MET A 86 4.59 -8.83 -6.33
N ASN A 87 4.51 -8.62 -5.02
CA ASN A 87 5.42 -7.68 -4.39
C ASN A 87 6.85 -8.23 -4.30
N VAL A 88 7.01 -9.46 -3.81
CA VAL A 88 8.38 -9.94 -3.60
C VAL A 88 9.05 -10.25 -4.92
N ASN A 89 8.29 -10.69 -5.94
CA ASN A 89 8.91 -10.93 -7.23
C ASN A 89 9.45 -9.64 -7.84
N ASP A 90 8.79 -8.50 -7.58
CA ASP A 90 9.29 -7.22 -8.08
C ASP A 90 10.57 -6.80 -7.36
N LEU A 91 10.65 -7.05 -6.05
CA LEU A 91 11.87 -6.75 -5.30
C LEU A 91 13.06 -7.47 -5.88
N LEU A 92 12.88 -8.72 -6.31
CA LEU A 92 14.01 -9.48 -6.85
C LEU A 92 14.63 -8.80 -8.05
N CYS A 93 13.84 -8.02 -8.79
CA CYS A 93 14.31 -7.47 -10.05
C CYS A 93 15.27 -6.30 -9.89
N VAL A 94 15.53 -5.84 -8.67
CA VAL A 94 16.67 -4.96 -8.46
C VAL A 94 17.80 -5.71 -7.76
N GLY A 95 17.64 -7.02 -7.57
CA GLY A 95 18.61 -7.84 -6.88
C GLY A 95 18.47 -7.87 -5.38
N ALA A 96 17.33 -7.44 -4.84
CA ALA A 96 17.15 -7.33 -3.41
C ALA A 96 16.61 -8.62 -2.82
N GLU A 97 16.95 -8.86 -1.56
CA GLU A 97 16.34 -9.93 -0.78
C GLU A 97 15.09 -9.41 -0.10
N PRO A 98 13.91 -9.99 -0.34
CA PRO A 98 12.69 -9.50 0.34
C PRO A 98 12.74 -9.74 1.84
N LEU A 99 12.24 -8.77 2.61
CA LEU A 99 12.27 -8.81 4.07
C LEU A 99 10.88 -8.78 4.70
N ALA A 100 10.04 -7.82 4.31
CA ALA A 100 8.83 -7.56 5.07
C ALA A 100 7.77 -6.97 4.16
N LEU A 101 6.52 -7.16 4.56
CA LEU A 101 5.38 -6.71 3.77
C LEU A 101 4.27 -6.22 4.69
N VAL A 102 3.56 -5.18 4.24
CA VAL A 102 2.32 -4.74 4.87
C VAL A 102 1.22 -4.88 3.82
N ASP A 103 0.00 -5.17 4.26
CA ASP A 103 -1.07 -5.34 3.29
C ASP A 103 -2.14 -4.27 3.47
N TYR A 104 -2.74 -3.89 2.35
CA TYR A 104 -3.85 -2.96 2.30
C TYR A 104 -5.07 -3.74 1.85
N PHE A 105 -6.07 -3.85 2.72
CA PHE A 105 -7.25 -4.66 2.44
C PHE A 105 -8.47 -3.72 2.43
N ALA A 106 -8.98 -3.43 1.25
CA ALA A 106 -10.14 -2.53 1.08
C ALA A 106 -11.34 -3.39 0.73
N VAL A 107 -12.37 -3.37 1.56
CA VAL A 107 -13.41 -4.39 1.50
C VAL A 107 -14.79 -3.75 1.57
N LYS A 108 -15.76 -4.41 0.95
CA LYS A 108 -17.14 -3.95 1.05
C LYS A 108 -17.77 -4.29 2.39
N GLU A 109 -17.23 -5.27 3.12
CA GLU A 109 -17.77 -5.61 4.43
C GLU A 109 -16.72 -6.39 5.20
N PRO A 110 -16.73 -6.32 6.52
CA PRO A 110 -15.78 -7.12 7.31
C PRO A 110 -16.24 -8.57 7.44
N ASN A 111 -16.22 -9.29 6.32
CA ASN A 111 -16.73 -10.65 6.28
C ASN A 111 -15.73 -11.60 6.93
N GLU A 112 -16.14 -12.24 8.03
CA GLU A 112 -15.23 -13.08 8.79
C GLU A 112 -14.75 -14.28 7.97
N GLU A 113 -15.62 -14.81 7.12
CA GLU A 113 -15.24 -15.96 6.31
C GLU A 113 -14.17 -15.58 5.27
N VAL A 114 -14.38 -14.47 4.56
CA VAL A 114 -13.41 -13.99 3.58
C VAL A 114 -12.06 -13.75 4.25
N PHE A 115 -12.08 -13.12 5.43
CA PHE A 115 -10.84 -12.77 6.11
C PHE A 115 -10.08 -14.03 6.56
N LYS A 116 -10.80 -15.03 7.07
CA LYS A 116 -10.15 -16.28 7.45
C LYS A 116 -9.49 -16.95 6.25
N GLN A 117 -10.14 -16.89 5.09
CA GLN A 117 -9.57 -17.47 3.87
C GLN A 117 -8.35 -16.69 3.42
N VAL A 118 -8.47 -15.35 3.37
CA VAL A 118 -7.32 -14.52 3.02
C VAL A 118 -6.12 -14.85 3.92
N ALA A 119 -6.37 -15.07 5.21
CA ALA A 119 -5.26 -15.32 6.13
C ALA A 119 -4.49 -16.59 5.76
N LYS A 120 -5.18 -17.63 5.29
CA LYS A 120 -4.50 -18.89 4.96
C LYS A 120 -3.43 -18.68 3.90
N GLY A 121 -3.77 -18.00 2.81
CA GLY A 121 -2.80 -17.80 1.75
C GLY A 121 -1.71 -16.82 2.11
N LEU A 122 -2.02 -15.82 2.95
CA LEU A 122 -0.99 -14.90 3.42
C LEU A 122 0.15 -15.66 4.09
N TYR A 123 -0.19 -16.68 4.88
CA TYR A 123 0.87 -17.42 5.55
C TYR A 123 1.69 -18.25 4.57
N LYS A 124 1.00 -18.94 3.66
CA LYS A 124 1.71 -19.81 2.72
C LYS A 124 2.65 -19.00 1.83
N GLY A 125 2.19 -17.84 1.37
CA GLY A 125 3.04 -17.00 0.55
C GLY A 125 4.20 -16.43 1.34
N ALA A 126 3.93 -15.98 2.57
CA ALA A 126 4.99 -15.41 3.40
C ALA A 126 6.10 -16.45 3.64
N GLU A 127 5.69 -17.68 3.98
CA GLU A 127 6.67 -18.72 4.25
C GLU A 127 7.52 -19.03 3.03
N GLU A 128 6.89 -19.11 1.84
CA GLU A 128 7.66 -19.43 0.65
C GLU A 128 8.58 -18.27 0.25
N ALA A 129 8.16 -17.04 0.51
CA ALA A 129 8.96 -15.88 0.14
C ALA A 129 10.02 -15.51 1.19
N GLY A 130 9.91 -16.06 2.40
CA GLY A 130 10.84 -15.69 3.45
C GLY A 130 10.64 -14.30 4.03
N VAL A 131 9.40 -13.79 4.04
CA VAL A 131 9.12 -12.45 4.52
C VAL A 131 8.15 -12.50 5.69
N ALA A 132 8.27 -11.50 6.57
CA ALA A 132 7.29 -11.32 7.63
C ALA A 132 6.22 -10.33 7.16
N ILE A 133 4.98 -10.60 7.54
CA ILE A 133 3.87 -9.67 7.36
C ILE A 133 3.76 -8.88 8.65
N VAL A 134 4.05 -7.58 8.59
CA VAL A 134 4.36 -6.81 9.79
C VAL A 134 3.29 -5.80 10.14
N GLY A 135 2.26 -5.67 9.31
CA GLY A 135 1.21 -4.72 9.61
C GLY A 135 0.34 -4.58 8.39
N GLY A 136 -0.58 -3.62 8.47
CA GLY A 136 -1.52 -3.46 7.38
C GLY A 136 -2.56 -2.40 7.71
N GLU A 137 -3.55 -2.35 6.83
CA GLU A 137 -4.62 -1.36 6.83
C GLU A 137 -5.85 -2.09 6.33
N THR A 138 -6.96 -1.92 7.03
CA THR A 138 -8.23 -2.50 6.61
C THR A 138 -9.24 -1.37 6.50
N ALA A 139 -9.88 -1.25 5.34
CA ALA A 139 -10.82 -0.15 5.12
C ALA A 139 -12.13 -0.74 4.65
N VAL A 140 -13.19 -0.57 5.46
CA VAL A 140 -14.52 -1.06 5.11
C VAL A 140 -15.22 0.07 4.39
N MET A 141 -15.50 -0.11 3.08
CA MET A 141 -15.82 1.02 2.22
C MET A 141 -16.84 0.59 1.17
N PRO A 142 -18.01 0.08 1.57
CA PRO A 142 -18.96 -0.48 0.58
C PRO A 142 -19.36 0.48 -0.54
N ASP A 143 -19.45 1.79 -0.26
CA ASP A 143 -19.79 2.75 -1.31
C ASP A 143 -18.70 2.86 -2.37
N LEU A 144 -17.46 2.47 -2.05
CA LEU A 144 -16.33 2.64 -2.94
C LEU A 144 -15.79 1.33 -3.54
N ILE A 145 -16.02 0.19 -2.89
CA ILE A 145 -15.43 -1.09 -3.29
C ILE A 145 -16.55 -2.09 -3.50
N ASN A 146 -16.54 -2.78 -4.65
CA ASN A 146 -17.52 -3.80 -4.99
C ASN A 146 -17.02 -5.21 -4.74
N GLY A 147 -16.09 -5.39 -3.83
CA GLY A 147 -15.61 -6.71 -3.53
C GLY A 147 -14.59 -6.64 -2.42
N TYR A 148 -13.50 -7.37 -2.58
CA TYR A 148 -12.44 -7.46 -1.58
C TYR A 148 -11.11 -7.26 -2.31
N ASP A 149 -10.62 -6.03 -2.30
CA ASP A 149 -9.40 -5.63 -3.00
C ASP A 149 -8.20 -5.80 -2.07
N LEU A 150 -7.21 -6.60 -2.48
CA LEU A 150 -6.05 -6.88 -1.65
C LEU A 150 -4.79 -6.37 -2.36
N ALA A 151 -4.03 -5.53 -1.69
CA ALA A 151 -2.76 -5.03 -2.21
C ALA A 151 -1.75 -5.05 -1.08
N GLY A 152 -0.53 -4.64 -1.39
CA GLY A 152 0.47 -4.60 -0.33
C GLY A 152 1.70 -3.85 -0.78
N THR A 153 2.60 -3.65 0.18
CA THR A 153 3.88 -3.00 -0.05
C THR A 153 4.97 -3.84 0.61
N ALA A 154 6.08 -4.05 -0.10
CA ALA A 154 7.14 -4.89 0.41
C ALA A 154 8.45 -4.11 0.40
N ILE A 155 9.33 -4.43 1.33
CA ILE A 155 10.67 -3.86 1.32
C ILE A 155 11.67 -4.99 1.30
N GLY A 156 12.82 -4.70 0.68
CA GLY A 156 13.92 -5.63 0.61
C GLY A 156 15.22 -4.87 0.76
N ILE A 157 16.32 -5.62 0.80
CA ILE A 157 17.63 -5.02 1.01
C ILE A 157 18.59 -5.47 -0.07
N VAL A 158 19.40 -4.56 -0.59
CA VAL A 158 20.44 -4.92 -1.55
C VAL A 158 21.70 -4.13 -1.21
N GLU A 159 22.82 -4.83 -1.12
CA GLU A 159 24.09 -4.22 -0.81
C GLU A 159 24.54 -3.30 -1.94
N LYS A 160 25.21 -2.20 -1.56
CA LYS A 160 25.78 -1.31 -2.56
C LYS A 160 26.77 -2.07 -3.43
N GLY A 161 26.72 -1.82 -4.74
CA GLY A 161 27.51 -2.53 -5.70
C GLY A 161 26.92 -3.83 -6.19
N LYS A 162 25.79 -4.28 -5.63
CA LYS A 162 25.15 -5.52 -6.06
C LYS A 162 23.76 -5.28 -6.63
N VAL A 163 23.39 -4.04 -6.92
CA VAL A 163 22.10 -3.76 -7.56
C VAL A 163 22.11 -4.33 -8.98
N ILE A 164 21.01 -4.94 -9.39
CA ILE A 164 20.87 -5.50 -10.74
C ILE A 164 19.75 -4.74 -11.43
N THR A 165 20.12 -3.76 -12.25
CA THR A 165 19.18 -2.90 -12.95
C THR A 165 18.98 -3.27 -14.41
N GLY A 166 19.92 -4.01 -14.99
CA GLY A 166 19.93 -4.26 -16.42
C GLY A 166 20.96 -3.48 -17.19
N GLU A 167 21.63 -2.49 -16.58
CA GLU A 167 22.67 -1.77 -17.32
C GLU A 167 23.83 -2.65 -17.71
N ARG A 168 24.00 -3.82 -17.09
CA ARG A 168 25.09 -4.71 -17.49
C ARG A 168 24.73 -5.61 -18.67
N ILE A 169 23.47 -5.60 -19.12
CA ILE A 169 23.08 -6.42 -20.25
C ILE A 169 23.84 -5.97 -21.49
N ARG A 170 24.39 -6.91 -22.25
CA ARG A 170 25.09 -6.65 -23.49
C ARG A 170 24.58 -7.57 -24.58
N PRO A 171 24.70 -7.16 -25.85
CA PRO A 171 24.36 -8.08 -26.95
C PRO A 171 25.16 -9.39 -26.83
N GLY A 172 24.48 -10.49 -27.15
CA GLY A 172 25.04 -11.81 -26.98
C GLY A 172 24.64 -12.50 -25.68
N ASP A 173 24.18 -11.73 -24.69
CA ASP A 173 23.75 -12.33 -23.42
C ASP A 173 22.62 -13.32 -23.66
N SER A 174 22.60 -14.37 -22.86
CA SER A 174 21.57 -15.38 -22.94
C SER A 174 20.34 -14.96 -22.13
N VAL A 175 19.16 -15.25 -22.68
CA VAL A 175 17.89 -14.91 -22.05
C VAL A 175 17.20 -16.21 -21.66
N ILE A 176 16.89 -16.36 -20.37
CA ILE A 176 16.31 -17.57 -19.81
C ILE A 176 14.97 -17.21 -19.17
N GLY A 177 13.97 -18.05 -19.39
CA GLY A 177 12.64 -17.86 -18.83
C GLY A 177 12.31 -18.94 -17.82
N ILE A 178 11.69 -18.54 -16.71
CA ILE A 178 11.17 -19.48 -15.72
C ILE A 178 9.66 -19.58 -15.93
N SER A 179 9.16 -20.80 -15.99
CA SER A 179 7.75 -21.00 -16.26
C SER A 179 6.88 -20.30 -15.22
N SER A 180 5.73 -19.80 -15.65
CA SER A 180 4.71 -19.33 -14.74
C SER A 180 3.87 -20.51 -14.24
N SER A 181 3.14 -20.29 -13.15
CA SER A 181 2.18 -21.28 -12.69
C SER A 181 0.88 -21.25 -13.48
N GLY A 182 0.68 -20.22 -14.30
CA GLY A 182 -0.55 -19.98 -15.04
C GLY A 182 -0.69 -18.48 -15.31
N ILE A 183 -1.93 -18.00 -15.29
CA ILE A 183 -2.22 -16.61 -15.61
C ILE A 183 -1.60 -15.61 -14.63
N HIS A 184 -1.25 -16.04 -13.43
CA HIS A 184 -0.70 -15.11 -12.41
C HIS A 184 -1.75 -14.02 -12.15
N SER A 185 -1.39 -12.74 -12.17
CA SER A 185 -2.28 -11.67 -11.77
C SER A 185 -2.31 -10.56 -12.80
N ALA A 186 -2.10 -10.86 -14.07
CA ALA A 186 -2.09 -9.82 -15.10
C ALA A 186 -3.02 -10.22 -16.23
N GLY A 187 -3.88 -9.29 -16.65
CA GLY A 187 -4.82 -9.53 -17.74
C GLY A 187 -6.13 -10.14 -17.31
N LEU A 188 -6.42 -10.20 -16.01
CA LEU A 188 -7.65 -10.85 -15.58
C LEU A 188 -8.89 -10.13 -16.09
N THR A 189 -8.83 -8.82 -16.28
CA THR A 189 -10.02 -8.13 -16.77
C THR A 189 -10.37 -8.62 -18.16
N LEU A 190 -9.36 -8.79 -19.02
CA LEU A 190 -9.62 -9.32 -20.35
C LEU A 190 -10.08 -10.77 -20.29
N ALA A 191 -9.40 -11.60 -19.49
CA ALA A 191 -9.81 -13.00 -19.39
C ALA A 191 -11.22 -13.14 -18.85
N ARG A 192 -11.57 -12.35 -17.82
CA ARG A 192 -12.89 -12.48 -17.20
C ARG A 192 -14.00 -12.08 -18.17
N LYS A 193 -13.83 -10.92 -18.82
CA LYS A 193 -14.87 -10.42 -19.71
C LYS A 193 -14.98 -11.28 -20.97
N LEU A 194 -13.85 -11.82 -21.44
CA LEU A 194 -13.88 -12.61 -22.68
C LEU A 194 -14.51 -13.98 -22.46
N LEU A 195 -14.19 -14.65 -21.35
CA LEU A 195 -14.51 -16.07 -21.17
C LEU A 195 -15.72 -16.33 -20.28
N ILE A 196 -15.92 -15.55 -19.21
CA ILE A 196 -16.91 -15.96 -18.22
C ILE A 196 -18.32 -15.87 -18.80
N PRO A 197 -18.73 -14.79 -19.46
CA PRO A 197 -20.09 -14.79 -20.03
C PRO A 197 -20.27 -15.82 -21.12
N LYS A 198 -19.23 -16.08 -21.93
CA LYS A 198 -19.40 -17.03 -23.02
C LYS A 198 -19.44 -18.47 -22.51
N TYR A 199 -18.56 -18.83 -21.59
CA TYR A 199 -18.40 -20.22 -21.17
C TYR A 199 -19.03 -20.57 -19.83
N GLY A 200 -19.17 -19.61 -18.92
CA GLY A 200 -19.53 -19.84 -17.53
C GLY A 200 -18.35 -20.26 -16.69
N LEU A 201 -18.39 -19.89 -15.41
CA LEU A 201 -17.28 -20.19 -14.51
C LEU A 201 -17.11 -21.68 -14.30
N ASP A 202 -18.16 -22.47 -14.53
CA ASP A 202 -18.08 -23.91 -14.37
C ASP A 202 -17.63 -24.64 -15.64
N TYR A 203 -17.28 -23.91 -16.70
CA TYR A 203 -16.83 -24.54 -17.93
C TYR A 203 -15.58 -25.37 -17.69
N GLU A 204 -15.55 -26.58 -18.22
CA GLU A 204 -14.47 -27.50 -17.90
C GLU A 204 -13.51 -27.58 -19.08
N TYR A 205 -12.24 -27.29 -18.83
CA TYR A 205 -11.21 -27.18 -19.87
C TYR A 205 -9.98 -27.95 -19.40
N GLU A 206 -9.64 -29.01 -20.13
CA GLU A 206 -8.57 -29.93 -19.75
C GLU A 206 -8.69 -30.37 -18.29
N GLY A 207 -9.90 -30.73 -17.89
CA GLY A 207 -10.10 -31.32 -16.59
C GLY A 207 -10.17 -30.34 -15.42
N ARG A 208 -10.07 -29.03 -15.67
CA ARG A 208 -10.20 -28.03 -14.62
C ARG A 208 -11.26 -27.01 -15.00
N LYS A 209 -11.99 -26.52 -14.01
CA LYS A 209 -13.01 -25.51 -14.28
C LYS A 209 -12.37 -24.18 -14.59
N LEU A 210 -13.09 -23.37 -15.37
CA LEU A 210 -12.59 -22.04 -15.71
C LEU A 210 -12.12 -21.26 -14.48
N TRP A 211 -12.87 -21.34 -13.37
CA TRP A 211 -12.45 -20.57 -12.19
C TRP A 211 -11.09 -21.06 -11.67
N GLU A 212 -10.80 -22.36 -11.80
CA GLU A 212 -9.52 -22.89 -11.34
C GLU A 212 -8.37 -22.34 -12.17
N TRP A 213 -8.55 -22.26 -13.48
CA TRP A 213 -7.57 -21.63 -14.35
C TRP A 213 -7.38 -20.16 -14.01
N LEU A 214 -8.47 -19.46 -13.69
CA LEU A 214 -8.34 -18.03 -13.45
C LEU A 214 -7.79 -17.71 -12.07
N LEU A 215 -7.97 -18.62 -11.12
CA LEU A 215 -7.60 -18.36 -9.74
C LEU A 215 -6.24 -18.94 -9.34
N GLU A 216 -5.60 -19.72 -10.21
CA GLU A 216 -4.33 -20.38 -9.90
C GLU A 216 -3.34 -19.36 -9.32
N PRO A 217 -2.76 -19.62 -8.14
CA PRO A 217 -1.97 -18.57 -7.48
C PRO A 217 -0.66 -18.30 -8.20
N THR A 218 -0.29 -17.04 -8.21
CA THR A 218 0.96 -16.59 -8.81
C THR A 218 2.16 -17.28 -8.18
N ARG A 219 3.12 -17.67 -9.02
CA ARG A 219 4.34 -18.33 -8.58
C ARG A 219 5.27 -17.34 -7.88
N ILE A 220 5.98 -17.82 -6.86
CA ILE A 220 6.95 -17.03 -6.11
C ILE A 220 8.36 -17.47 -6.51
N TYR A 221 9.19 -16.50 -6.92
CA TYR A 221 10.49 -16.82 -7.50
C TYR A 221 11.67 -16.54 -6.56
N VAL A 222 11.40 -16.26 -5.28
CA VAL A 222 12.46 -15.80 -4.38
C VAL A 222 13.59 -16.83 -4.26
N ARG A 223 13.27 -18.08 -3.94
CA ARG A 223 14.34 -19.05 -3.72
C ARG A 223 15.21 -19.28 -4.95
N PRO A 224 14.67 -19.55 -6.14
CA PRO A 224 15.57 -19.74 -7.29
C PRO A 224 16.37 -18.50 -7.65
N ILE A 225 15.79 -17.31 -7.53
CA ILE A 225 16.51 -16.11 -7.96
C ILE A 225 17.60 -15.74 -6.97
N LEU A 226 17.31 -15.83 -5.66
CA LEU A 226 18.36 -15.55 -4.68
C LEU A 226 19.50 -16.55 -4.79
N GLU A 227 19.19 -17.81 -5.05
CA GLU A 227 20.25 -18.79 -5.30
C GLU A 227 21.04 -18.43 -6.55
N LEU A 228 20.33 -18.10 -7.64
CA LEU A 228 20.99 -17.74 -8.88
C LEU A 228 21.96 -16.58 -8.69
N ILE A 229 21.51 -15.49 -8.05
CA ILE A 229 22.36 -14.30 -8.05
C ILE A 229 23.56 -14.49 -7.14
N ASN A 230 23.49 -15.41 -6.19
CA ASN A 230 24.68 -15.69 -5.40
C ASN A 230 25.61 -16.72 -6.03
N SER A 231 25.29 -17.27 -7.20
CA SER A 231 26.14 -18.27 -7.81
C SER A 231 26.68 -17.86 -9.18
N VAL A 232 25.91 -17.14 -9.99
CA VAL A 232 26.35 -16.78 -11.33
C VAL A 232 26.21 -15.27 -11.50
N GLU A 233 26.95 -14.76 -12.48
CA GLU A 233 26.88 -13.35 -12.84
C GLU A 233 25.55 -13.09 -13.54
N VAL A 234 24.71 -12.24 -12.96
CA VAL A 234 23.39 -11.95 -13.49
C VAL A 234 23.37 -10.51 -13.99
N HIS A 235 22.91 -10.31 -15.22
CA HIS A 235 22.88 -8.97 -15.81
C HIS A 235 21.50 -8.33 -15.77
N GLY A 236 20.42 -9.11 -15.65
CA GLY A 236 19.10 -8.52 -15.67
C GLY A 236 18.08 -9.50 -15.16
N LEU A 237 17.03 -8.97 -14.52
CA LEU A 237 15.97 -9.75 -13.90
C LEU A 237 14.65 -9.06 -14.17
N ALA A 238 13.66 -9.80 -14.69
CA ALA A 238 12.39 -9.17 -15.05
C ALA A 238 11.24 -10.08 -14.65
N HIS A 239 10.39 -9.56 -13.78
CA HIS A 239 9.14 -10.23 -13.41
C HIS A 239 8.08 -9.88 -14.46
N ILE A 240 7.44 -10.89 -15.04
CA ILE A 240 6.52 -10.66 -16.15
C ILE A 240 5.14 -10.37 -15.56
N THR A 241 4.78 -9.08 -15.52
CA THR A 241 3.50 -8.65 -14.97
C THR A 241 2.75 -7.89 -16.05
N GLY A 242 2.03 -6.83 -15.68
CA GLY A 242 1.40 -5.98 -16.66
C GLY A 242 2.38 -5.58 -17.75
N GLY A 243 1.97 -5.64 -19.01
CA GLY A 243 2.89 -5.36 -20.12
C GLY A 243 3.53 -6.59 -20.73
N GLY A 244 3.48 -7.74 -20.06
CA GLY A 244 4.03 -8.96 -20.64
C GLY A 244 5.51 -8.79 -20.95
N LEU A 245 5.90 -9.20 -22.16
CA LEU A 245 7.30 -9.11 -22.58
C LEU A 245 7.81 -7.68 -22.66
N LEU A 246 6.92 -6.69 -22.77
CA LEU A 246 7.38 -5.30 -22.79
C LEU A 246 8.15 -4.93 -21.53
N ASN A 247 7.96 -5.68 -20.45
CA ASN A 247 8.75 -5.41 -19.24
C ASN A 247 10.24 -5.53 -19.48
N LEU A 248 10.66 -6.29 -20.49
CA LEU A 248 12.10 -6.39 -20.75
C LEU A 248 12.70 -5.04 -21.15
N LYS A 249 11.90 -4.16 -21.78
CA LYS A 249 12.41 -2.86 -22.21
C LYS A 249 12.74 -1.95 -21.05
N ARG A 250 12.24 -2.25 -19.84
CA ARG A 250 12.64 -1.46 -18.68
C ARG A 250 14.07 -1.74 -18.25
N LEU A 251 14.68 -2.79 -18.77
CA LEU A 251 16.01 -3.20 -18.36
C LEU A 251 17.11 -2.65 -19.26
N THR A 252 16.83 -2.44 -20.54
CA THR A 252 17.92 -2.20 -21.48
C THR A 252 17.34 -1.62 -22.76
N ASN A 253 18.18 -0.91 -23.49
CA ASN A 253 17.83 -0.45 -24.82
C ASN A 253 18.13 -1.49 -25.89
N TYR A 254 18.94 -2.50 -25.59
CA TYR A 254 19.24 -3.53 -26.56
C TYR A 254 18.00 -4.34 -26.89
N GLY A 255 18.06 -5.06 -28.01
CA GLY A 255 16.94 -5.87 -28.45
C GLY A 255 17.00 -7.29 -27.92
N PHE A 256 15.91 -8.00 -28.14
CA PHE A 256 15.80 -9.40 -27.75
C PHE A 256 15.28 -10.21 -28.92
N GLU A 257 15.83 -11.40 -29.07
CA GLU A 257 15.37 -12.38 -30.05
C GLU A 257 15.01 -13.63 -29.25
N LEU A 258 13.72 -13.98 -29.23
CA LEU A 258 13.21 -15.00 -28.32
C LEU A 258 12.42 -16.04 -29.09
N GLU A 259 12.44 -17.26 -28.56
CA GLU A 259 11.49 -18.32 -28.91
C GLU A 259 10.65 -18.58 -27.67
N MET A 260 9.35 -18.33 -27.76
CA MET A 260 8.53 -18.49 -26.57
C MET A 260 7.90 -19.87 -26.54
N PRO A 261 7.50 -20.35 -25.37
CA PRO A 261 6.99 -21.71 -25.25
C PRO A 261 5.66 -21.88 -25.95
N PRO A 262 5.22 -23.12 -26.15
CA PRO A 262 3.90 -23.35 -26.76
C PRO A 262 2.80 -22.65 -25.99
N ILE A 263 1.80 -22.19 -26.73
CA ILE A 263 0.65 -21.55 -26.12
C ILE A 263 -0.27 -22.65 -25.60
N GLU A 264 -0.49 -22.68 -24.28
CA GLU A 264 -1.19 -23.80 -23.65
C GLU A 264 -2.14 -23.28 -22.59
N GLY A 265 -2.98 -24.17 -22.08
CA GLY A 265 -3.80 -23.85 -20.93
C GLY A 265 -4.75 -22.69 -21.22
N ILE A 266 -4.91 -21.83 -20.23
CA ILE A 266 -5.84 -20.71 -20.37
C ILE A 266 -5.42 -19.77 -21.49
N PHE A 267 -4.11 -19.66 -21.76
CA PHE A 267 -3.68 -18.76 -22.81
C PHE A 267 -4.18 -19.23 -24.17
N LYS A 268 -4.20 -20.55 -24.37
CA LYS A 268 -4.74 -21.10 -25.61
C LYS A 268 -6.23 -20.80 -25.74
N LEU A 269 -6.98 -20.98 -24.64
CA LEU A 269 -8.41 -20.67 -24.67
C LEU A 269 -8.64 -19.20 -25.03
N ILE A 270 -7.84 -18.31 -24.48
CA ILE A 270 -7.98 -16.89 -24.78
C ILE A 270 -7.64 -16.63 -26.23
N HIS A 271 -6.54 -17.23 -26.70
CA HIS A 271 -6.13 -17.04 -28.09
C HIS A 271 -7.22 -17.52 -29.05
N GLU A 272 -7.85 -18.63 -28.73
CA GLU A 272 -8.86 -19.19 -29.61
C GLU A 272 -10.17 -18.44 -29.52
N ASN A 273 -10.24 -17.41 -28.67
CA ASN A 273 -11.39 -16.52 -28.63
C ASN A 273 -11.09 -15.15 -29.22
N GLY A 274 -10.03 -15.04 -30.02
CA GLY A 274 -9.86 -13.91 -30.91
C GLY A 274 -8.95 -12.81 -30.44
N VAL A 275 -8.25 -12.99 -29.33
CA VAL A 275 -7.28 -11.95 -28.95
C VAL A 275 -6.07 -12.03 -29.86
N PRO A 276 -5.62 -10.94 -30.47
CA PRO A 276 -4.45 -11.02 -31.36
C PRO A 276 -3.20 -11.42 -30.58
N LEU A 277 -2.34 -12.20 -31.25
CA LEU A 277 -1.21 -12.79 -30.57
C LEU A 277 -0.21 -11.74 -30.10
N ASP A 278 -0.07 -10.62 -30.82
CA ASP A 278 0.84 -9.58 -30.34
C ASP A 278 0.29 -8.93 -29.08
N GLU A 279 -1.01 -8.64 -29.04
CA GLU A 279 -1.62 -8.17 -27.80
C GLU A 279 -1.42 -9.17 -26.66
N MET A 280 -1.52 -10.47 -26.96
CA MET A 280 -1.40 -11.47 -25.91
C MET A 280 -0.03 -11.43 -25.25
N PHE A 281 1.03 -11.27 -26.04
CA PHE A 281 2.38 -11.20 -25.46
C PHE A 281 2.63 -9.88 -24.73
N ARG A 282 1.81 -8.85 -24.97
CA ARG A 282 1.85 -7.60 -24.22
C ARG A 282 0.96 -7.59 -22.98
N VAL A 283 0.14 -8.62 -22.77
CA VAL A 283 -0.86 -8.61 -21.70
C VAL A 283 -0.65 -9.77 -20.74
N PHE A 284 -0.47 -10.98 -21.26
CA PHE A 284 -0.37 -12.19 -20.47
C PHE A 284 1.07 -12.66 -20.42
N ASN A 285 1.40 -13.46 -19.41
CA ASN A 285 2.78 -13.91 -19.31
C ASN A 285 3.07 -15.05 -20.29
N MET A 286 2.02 -15.68 -20.82
CA MET A 286 2.10 -16.64 -21.91
C MET A 286 2.95 -17.86 -21.56
N GLY A 287 3.07 -18.17 -20.27
CA GLY A 287 3.82 -19.31 -19.80
C GLY A 287 5.14 -18.98 -19.14
N VAL A 288 5.59 -17.72 -19.19
CA VAL A 288 6.89 -17.33 -18.66
C VAL A 288 6.66 -16.26 -17.60
N GLY A 289 6.91 -16.60 -16.34
CA GLY A 289 6.63 -15.71 -15.24
C GLY A 289 7.79 -14.81 -14.89
N PHE A 290 9.00 -15.19 -15.29
CA PHE A 290 10.18 -14.48 -14.84
C PHE A 290 11.29 -14.73 -15.85
N ILE A 291 12.03 -13.69 -16.19
CA ILE A 291 13.10 -13.80 -17.18
C ILE A 291 14.40 -13.31 -16.54
N VAL A 292 15.47 -14.04 -16.79
CA VAL A 292 16.80 -13.63 -16.33
C VAL A 292 17.71 -13.49 -17.54
N VAL A 293 18.67 -12.59 -17.44
CA VAL A 293 19.65 -12.35 -18.49
C VAL A 293 21.03 -12.58 -17.89
N VAL A 294 21.82 -13.46 -18.50
CA VAL A 294 23.13 -13.85 -17.97
C VAL A 294 24.13 -13.90 -19.12
N PRO A 295 25.43 -13.80 -18.82
CA PRO A 295 26.43 -14.00 -19.86
C PRO A 295 26.23 -15.34 -20.55
N GLN A 296 26.51 -15.38 -21.84
CA GLN A 296 26.25 -16.59 -22.60
C GLN A 296 26.97 -17.79 -21.99
N GLU A 297 28.18 -17.58 -21.46
CA GLU A 297 28.94 -18.70 -20.92
C GLU A 297 28.35 -19.23 -19.61
N GLU A 298 27.46 -18.49 -18.96
CA GLU A 298 26.81 -18.92 -17.73
C GLU A 298 25.46 -19.58 -17.99
N LYS A 299 25.04 -19.71 -19.24
CA LYS A 299 23.69 -20.15 -19.55
C LYS A 299 23.39 -21.51 -18.91
N GLU A 300 24.28 -22.49 -19.09
CA GLU A 300 24.00 -23.84 -18.60
C GLU A 300 24.00 -23.89 -17.07
N GLU A 301 24.91 -23.15 -16.42
CA GLU A 301 24.88 -23.17 -14.97
C GLU A 301 23.62 -22.50 -14.43
N ALA A 302 23.22 -21.40 -15.07
CA ALA A 302 21.98 -20.74 -14.65
C ALA A 302 20.80 -21.67 -14.80
N LEU A 303 20.73 -22.37 -15.93
CA LEU A 303 19.61 -23.28 -16.13
C LEU A 303 19.62 -24.41 -15.12
N GLU A 304 20.80 -24.93 -14.77
CA GLU A 304 20.89 -25.99 -13.78
C GLU A 304 20.33 -25.51 -12.43
N ILE A 305 20.67 -24.30 -12.02
CA ILE A 305 20.17 -23.75 -10.75
C ILE A 305 18.67 -23.53 -10.79
N LEU A 306 18.17 -22.87 -11.84
CA LEU A 306 16.75 -22.54 -11.90
C LEU A 306 15.90 -23.79 -12.03
N SER A 307 16.39 -24.78 -12.79
CA SER A 307 15.62 -25.98 -13.09
C SER A 307 15.42 -26.87 -11.87
N ARG A 308 16.23 -26.72 -10.82
CA ARG A 308 15.95 -27.41 -9.57
C ARG A 308 14.59 -27.01 -9.01
N HIS A 309 14.18 -25.76 -9.24
CA HIS A 309 13.00 -25.18 -8.61
C HIS A 309 11.76 -25.21 -9.48
N TYR A 310 11.91 -24.90 -10.77
CA TYR A 310 10.78 -24.82 -11.69
C TYR A 310 11.27 -25.12 -13.09
N LYS A 311 10.36 -25.62 -13.91
CA LYS A 311 10.66 -25.76 -15.32
C LYS A 311 11.14 -24.42 -15.89
N SER A 312 12.27 -24.45 -16.58
CA SER A 312 12.92 -23.26 -17.11
C SER A 312 13.37 -23.50 -18.54
N TYR A 313 13.47 -22.42 -19.33
CA TYR A 313 13.68 -22.51 -20.77
C TYR A 313 14.81 -21.59 -21.19
N GLU A 314 15.64 -22.02 -22.13
CA GLU A 314 16.47 -21.04 -22.84
C GLU A 314 15.58 -20.32 -23.84
N LEU A 315 15.39 -19.01 -23.64
CA LEU A 315 14.49 -18.29 -24.54
C LEU A 315 15.19 -17.73 -25.76
N GLY A 316 16.42 -17.25 -25.62
CA GLY A 316 17.03 -16.56 -26.74
C GLY A 316 18.21 -15.74 -26.28
N ASN A 317 18.40 -14.60 -26.96
CA ASN A 317 19.61 -13.81 -26.79
C ASN A 317 19.30 -12.31 -26.91
N VAL A 318 20.16 -11.52 -26.30
CA VAL A 318 20.16 -10.08 -26.51
C VAL A 318 20.85 -9.76 -27.82
N THR A 319 20.32 -8.79 -28.56
CA THR A 319 20.80 -8.42 -29.88
C THR A 319 21.09 -6.92 -29.94
N ARG A 320 21.53 -6.45 -31.11
CA ARG A 320 21.70 -5.03 -31.36
C ARG A 320 20.50 -4.41 -32.08
N GLU A 321 19.41 -5.14 -32.24
CA GLU A 321 18.19 -4.58 -32.80
C GLU A 321 17.53 -3.75 -31.70
N LEU A 322 18.12 -2.57 -31.47
CA LEU A 322 17.75 -1.72 -30.35
C LEU A 322 16.24 -1.52 -30.26
N GLY A 323 15.70 -1.76 -29.06
CA GLY A 323 14.33 -1.46 -28.77
C GLY A 323 13.32 -2.46 -29.28
N LYS A 324 13.75 -3.57 -29.86
CA LYS A 324 12.82 -4.53 -30.46
C LYS A 324 12.83 -5.84 -29.69
N ILE A 325 11.66 -6.43 -29.53
CA ILE A 325 11.51 -7.78 -29.01
C ILE A 325 10.90 -8.62 -30.11
N LYS A 326 11.71 -9.51 -30.68
CA LYS A 326 11.29 -10.42 -31.75
C LYS A 326 10.94 -11.77 -31.13
N VAL A 327 9.67 -12.14 -31.18
CA VAL A 327 9.26 -13.49 -30.82
C VAL A 327 9.30 -14.27 -32.14
N LYS A 328 10.44 -14.94 -32.36
CA LYS A 328 10.83 -15.44 -33.67
C LYS A 328 9.91 -16.58 -34.12
N ASN A 329 9.55 -17.49 -33.21
CA ASN A 329 8.74 -18.63 -33.57
C ASN A 329 7.25 -18.31 -33.67
N TYR A 330 6.85 -17.08 -33.37
CA TYR A 330 5.47 -16.66 -33.61
C TYR A 330 5.38 -15.52 -34.62
N GLY A 331 6.50 -15.05 -35.14
CA GLY A 331 6.48 -13.96 -36.12
C GLY A 331 6.00 -12.64 -35.57
N ILE A 332 6.22 -12.38 -34.28
CA ILE A 332 5.74 -11.19 -33.62
C ILE A 332 6.93 -10.30 -33.29
N THR A 333 6.76 -8.99 -33.49
CA THR A 333 7.74 -8.02 -33.03
C THR A 333 7.03 -6.99 -32.15
N LEU A 334 7.55 -6.79 -30.95
CA LEU A 334 6.99 -5.81 -30.04
C LEU A 334 7.87 -4.56 -29.93
N MET B 1 -28.97 6.44 10.61
CA MET B 1 -27.60 6.91 10.57
C MET B 1 -27.23 7.78 11.76
N LEU B 2 -27.38 7.24 12.97
CA LEU B 2 -26.95 7.92 14.18
C LEU B 2 -25.73 7.25 14.82
N THR B 3 -25.24 6.15 14.26
CA THR B 3 -23.97 5.57 14.67
C THR B 3 -23.14 5.25 13.43
N TYR B 4 -21.84 5.12 13.65
CA TYR B 4 -20.93 4.73 12.58
C TYR B 4 -21.32 3.37 11.99
N ALA B 5 -21.71 2.41 12.85
CA ALA B 5 -22.10 1.09 12.36
C ALA B 5 -23.34 1.16 11.48
N GLN B 6 -24.34 1.96 11.88
CA GLN B 6 -25.52 2.11 11.04
C GLN B 6 -25.18 2.74 9.69
N ALA B 7 -24.14 3.56 9.65
CA ALA B 7 -23.68 4.15 8.39
C ALA B 7 -22.87 3.18 7.54
N GLY B 8 -22.49 2.02 8.08
CA GLY B 8 -21.84 0.99 7.29
C GLY B 8 -20.47 0.55 7.79
N VAL B 9 -19.93 1.15 8.86
CA VAL B 9 -18.60 0.81 9.34
C VAL B 9 -18.74 0.32 10.77
N ASP B 10 -18.72 -1.01 10.95
CA ASP B 10 -18.84 -1.64 12.26
C ASP B 10 -17.44 -2.02 12.71
N GLU B 11 -16.87 -1.22 13.62
CA GLU B 11 -15.49 -1.44 14.05
C GLU B 11 -15.35 -2.75 14.82
N GLU B 12 -16.37 -3.10 15.62
CA GLU B 12 -16.37 -4.37 16.33
C GLU B 12 -16.27 -5.54 15.37
N LYS B 13 -17.10 -5.55 14.32
CA LYS B 13 -17.06 -6.63 13.34
C LYS B 13 -15.76 -6.64 12.56
N THR B 14 -15.19 -5.47 12.27
CA THR B 14 -13.89 -5.43 11.61
C THR B 14 -12.82 -6.08 12.48
N ALA B 15 -12.78 -5.73 13.76
CA ALA B 15 -11.79 -6.32 14.66
C ALA B 15 -11.93 -7.84 14.72
N ARG B 16 -13.17 -8.33 14.78
CA ARG B 16 -13.42 -9.76 14.79
C ARG B 16 -12.93 -10.42 13.50
N ALA B 17 -13.26 -9.81 12.35
CA ALA B 17 -12.83 -10.39 11.09
C ALA B 17 -11.31 -10.41 10.97
N LEU B 18 -10.62 -9.42 11.53
CA LEU B 18 -9.17 -9.30 11.40
C LEU B 18 -8.41 -10.30 12.25
N ARG B 19 -9.06 -10.98 13.20
CA ARG B 19 -8.34 -11.80 14.17
C ARG B 19 -7.45 -12.84 13.48
N GLU B 20 -7.98 -13.54 12.47
CA GLU B 20 -7.19 -14.57 11.80
C GLU B 20 -6.07 -13.98 10.97
N ILE B 21 -6.27 -12.78 10.41
CA ILE B 21 -5.19 -12.15 9.65
C ILE B 21 -4.07 -11.71 10.60
N ILE B 22 -4.42 -11.09 11.72
CA ILE B 22 -3.41 -10.67 12.70
C ILE B 22 -2.69 -11.88 13.28
N ARG B 23 -3.43 -12.95 13.60
CA ARG B 23 -2.79 -14.16 14.11
C ARG B 23 -1.80 -14.73 13.11
N THR B 24 -2.18 -14.79 11.82
CA THR B 24 -1.26 -15.30 10.80
C THR B 24 -0.03 -14.42 10.67
N ALA B 25 -0.23 -13.09 10.65
CA ALA B 25 0.91 -12.19 10.55
C ALA B 25 1.90 -12.45 11.67
N ARG B 26 1.42 -12.65 12.90
CA ARG B 26 2.35 -12.90 13.99
C ARG B 26 3.09 -14.22 13.81
N GLU B 27 2.43 -15.22 13.20
CA GLU B 27 3.11 -16.47 12.90
C GLU B 27 4.20 -16.32 11.86
N THR B 28 4.17 -15.26 11.04
CA THR B 28 5.25 -15.04 10.08
C THR B 28 6.47 -14.35 10.68
N PHE B 29 6.38 -13.79 11.90
CA PHE B 29 7.52 -13.06 12.45
C PHE B 29 8.76 -13.95 12.51
N LYS B 30 8.58 -15.24 12.82
CA LYS B 30 9.74 -16.10 13.00
C LYS B 30 10.52 -16.30 11.70
N LEU B 31 9.92 -15.96 10.56
CA LEU B 31 10.65 -16.10 9.30
C LEU B 31 11.84 -15.14 9.23
N ARG B 32 11.85 -14.07 10.02
CA ARG B 32 12.97 -13.13 10.05
C ARG B 32 13.69 -13.12 11.40
N LYS B 33 13.45 -14.12 12.24
CA LYS B 33 14.09 -14.18 13.55
C LYS B 33 15.61 -14.15 13.41
N GLY B 34 16.24 -13.25 14.16
CA GLY B 34 17.68 -13.09 14.13
C GLY B 34 18.25 -12.59 12.82
N LYS B 35 17.40 -12.19 11.87
CA LYS B 35 17.87 -11.68 10.60
C LYS B 35 17.56 -10.20 10.47
N VAL B 36 18.18 -9.57 9.47
CA VAL B 36 17.85 -8.19 9.18
C VAL B 36 16.36 -8.09 8.87
N GLY B 37 15.70 -7.10 9.45
CA GLY B 37 14.28 -6.91 9.25
C GLY B 37 13.39 -7.57 10.28
N GLU B 38 13.96 -8.15 11.34
CA GLU B 38 13.16 -8.80 12.36
C GLU B 38 12.16 -7.80 12.95
N PRO B 39 10.87 -8.12 12.97
CA PRO B 39 9.87 -7.13 13.37
C PRO B 39 9.55 -7.12 14.86
N GLY B 40 9.00 -5.99 15.31
CA GLY B 40 8.29 -5.94 16.57
C GLY B 40 6.86 -6.45 16.42
N ASP B 41 6.04 -6.17 17.43
CA ASP B 41 4.68 -6.71 17.38
C ASP B 41 3.77 -5.83 16.52
N ILE B 42 2.66 -6.44 16.10
CA ILE B 42 1.56 -5.76 15.44
C ILE B 42 0.68 -5.10 16.50
N GLY B 43 0.00 -4.01 16.12
CA GLY B 43 -0.94 -3.36 17.00
C GLY B 43 -0.72 -1.87 17.11
N HIS B 44 0.50 -1.42 16.83
CA HIS B 44 0.85 -0.03 16.99
C HIS B 44 0.58 0.75 15.71
N TYR B 45 1.00 2.02 15.69
CA TYR B 45 0.80 2.89 14.54
C TYR B 45 1.73 2.54 13.39
N ALA B 46 2.83 1.86 13.65
CA ALA B 46 3.77 1.48 12.61
C ALA B 46 4.43 0.18 13.03
N ALA B 47 4.93 -0.56 12.05
CA ALA B 47 5.77 -1.72 12.33
C ALA B 47 7.20 -1.26 12.50
N LEU B 48 7.93 -1.89 13.42
CA LEU B 48 9.34 -1.60 13.66
C LEU B 48 10.17 -2.77 13.21
N LEU B 49 11.15 -2.52 12.35
CA LEU B 49 11.97 -3.57 11.75
C LEU B 49 13.44 -3.33 12.10
N ASP B 50 14.12 -4.38 12.58
CA ASP B 50 15.46 -4.26 13.14
C ASP B 50 16.50 -4.24 12.02
N PHE B 51 17.19 -3.10 11.84
CA PHE B 51 18.30 -2.99 10.90
C PHE B 51 19.64 -2.76 11.60
N GLY B 52 19.77 -3.21 12.84
CA GLY B 52 21.05 -3.13 13.54
C GLY B 52 21.19 -1.90 14.41
N ASN B 53 21.69 -0.81 13.83
CA ASN B 53 21.84 0.45 14.56
C ASN B 53 20.52 1.22 14.65
N PHE B 54 19.51 0.84 13.89
CA PHE B 54 18.30 1.62 13.85
C PHE B 54 17.15 0.68 13.52
N TYR B 55 15.95 1.19 13.75
CA TYR B 55 14.72 0.54 13.31
C TYR B 55 14.19 1.26 12.07
N LEU B 56 13.62 0.50 11.15
CA LEU B 56 12.84 1.06 10.08
C LEU B 56 11.36 0.97 10.47
N ALA B 57 10.66 2.08 10.41
CA ALA B 57 9.24 2.10 10.72
C ALA B 57 8.45 2.06 9.42
N MET B 58 7.41 1.23 9.38
CA MET B 58 6.62 1.09 8.16
C MET B 58 5.13 1.12 8.50
N THR B 59 4.37 1.90 7.75
CA THR B 59 2.94 1.98 7.97
C THR B 59 2.23 2.09 6.62
N THR B 60 0.94 1.75 6.60
CA THR B 60 0.15 1.91 5.39
C THR B 60 -1.23 2.47 5.78
N ASP B 61 -1.70 3.48 5.04
CA ASP B 61 -2.94 4.18 5.36
C ASP B 61 -3.61 4.60 4.06
N GLY B 62 -4.94 4.53 4.02
CA GLY B 62 -5.71 5.10 2.94
C GLY B 62 -6.43 6.37 3.38
N VAL B 63 -7.06 7.03 2.40
CA VAL B 63 -7.83 8.24 2.67
C VAL B 63 -9.21 7.91 3.20
N GLY B 64 -9.80 6.82 2.77
CA GLY B 64 -11.19 6.53 3.12
C GLY B 64 -12.15 7.10 2.10
N THR B 65 -13.43 7.14 2.48
CA THR B 65 -14.48 7.59 1.57
C THR B 65 -14.56 9.11 1.43
N LYS B 66 -13.64 9.86 2.04
CA LYS B 66 -13.45 11.26 1.68
C LYS B 66 -13.33 11.44 0.17
N VAL B 67 -12.74 10.46 -0.53
CA VAL B 67 -12.59 10.59 -1.98
C VAL B 67 -13.94 10.63 -2.68
N LEU B 68 -15.01 10.10 -2.08
CA LEU B 68 -16.31 10.15 -2.74
C LEU B 68 -16.87 11.57 -2.74
N VAL B 69 -16.52 12.36 -1.72
CA VAL B 69 -16.90 13.77 -1.70
C VAL B 69 -16.08 14.55 -2.72
N ALA B 70 -14.79 14.27 -2.82
CA ALA B 70 -13.94 14.92 -3.81
C ALA B 70 -14.49 14.67 -5.22
N GLU B 71 -14.92 13.45 -5.49
CA GLU B 71 -15.44 13.16 -6.83
C GLU B 71 -16.79 13.82 -7.06
N ALA B 72 -17.66 13.85 -6.05
CA ALA B 72 -19.00 14.43 -6.20
C ALA B 72 -18.91 15.89 -6.64
N VAL B 73 -17.98 16.65 -6.07
CA VAL B 73 -17.88 18.09 -6.30
C VAL B 73 -16.77 18.44 -7.27
N GLY B 74 -15.93 17.47 -7.64
CA GLY B 74 -14.88 17.72 -8.61
C GLY B 74 -13.64 18.35 -8.06
N LYS B 75 -13.29 18.08 -6.79
CA LYS B 75 -12.18 18.75 -6.12
C LYS B 75 -11.21 17.71 -5.55
N PHE B 76 -10.17 17.38 -6.32
CA PHE B 76 -9.22 16.33 -5.99
C PHE B 76 -7.87 16.86 -5.54
N ASP B 77 -7.65 18.18 -5.55
CA ASP B 77 -6.28 18.64 -5.34
C ASP B 77 -5.86 18.69 -3.87
N THR B 78 -6.63 18.12 -2.94
CA THR B 78 -6.16 17.96 -1.58
C THR B 78 -6.20 16.54 -1.04
N ILE B 79 -6.79 15.56 -1.75
CA ILE B 79 -6.77 14.21 -1.18
C ILE B 79 -5.36 13.63 -1.14
N GLY B 80 -4.47 14.09 -2.01
CA GLY B 80 -3.07 13.70 -1.90
C GLY B 80 -2.44 14.15 -0.60
N ILE B 81 -2.86 15.31 -0.09
CA ILE B 81 -2.40 15.75 1.23
C ILE B 81 -2.94 14.82 2.32
N ASP B 82 -4.23 14.49 2.26
CA ASP B 82 -4.79 13.55 3.23
C ASP B 82 -4.00 12.26 3.25
N MET B 83 -3.71 11.69 2.09
CA MET B 83 -3.01 10.40 2.07
C MET B 83 -1.64 10.52 2.72
N ILE B 84 -0.87 11.53 2.35
CA ILE B 84 0.47 11.65 2.91
C ILE B 84 0.39 11.91 4.41
N ALA B 85 -0.54 12.78 4.82
CA ALA B 85 -0.69 13.12 6.24
C ALA B 85 -1.00 11.88 7.07
N MET B 86 -1.95 11.05 6.60
CA MET B 86 -2.30 9.84 7.35
C MET B 86 -1.07 8.97 7.58
N ASN B 87 -0.24 8.79 6.54
CA ASN B 87 0.91 7.90 6.66
C ASN B 87 2.02 8.50 7.51
N VAL B 88 2.42 9.75 7.23
CA VAL B 88 3.55 10.28 7.97
C VAL B 88 3.18 10.58 9.43
N ASN B 89 1.93 10.95 9.69
CA ASN B 89 1.53 11.18 11.08
C ASN B 89 1.58 9.90 11.90
N ASP B 90 1.26 8.76 11.28
CA ASP B 90 1.36 7.48 11.97
C ASP B 90 2.80 7.10 12.25
N LEU B 91 3.71 7.37 11.30
CA LEU B 91 5.12 7.09 11.52
C LEU B 91 5.66 7.84 12.73
N LEU B 92 5.21 9.09 12.91
CA LEU B 92 5.66 9.87 14.06
C LEU B 92 5.33 9.17 15.37
N CYS B 93 4.30 8.33 15.38
CA CYS B 93 3.86 7.80 16.66
C CYS B 93 4.72 6.66 17.20
N VAL B 94 5.78 6.25 16.50
CA VAL B 94 6.81 5.43 17.13
C VAL B 94 8.09 6.22 17.34
N GLY B 95 8.04 7.53 17.14
CA GLY B 95 9.22 8.36 17.24
C GLY B 95 10.05 8.45 15.98
N ALA B 96 9.55 7.98 14.84
CA ALA B 96 10.36 7.91 13.64
C ALA B 96 10.28 9.19 12.81
N GLU B 97 11.36 9.48 12.10
CA GLU B 97 11.39 10.55 11.12
C GLU B 97 10.93 10.01 9.75
N PRO B 98 9.87 10.54 9.17
CA PRO B 98 9.41 10.03 7.85
C PRO B 98 10.43 10.28 6.76
N LEU B 99 10.60 9.29 5.88
CA LEU B 99 11.60 9.39 4.82
C LEU B 99 10.99 9.32 3.42
N ALA B 100 10.11 8.36 3.18
CA ALA B 100 9.72 8.04 1.81
C ALA B 100 8.36 7.37 1.81
N LEU B 101 7.66 7.49 0.68
CA LEU B 101 6.29 7.01 0.57
C LEU B 101 6.06 6.48 -0.84
N VAL B 102 5.26 5.43 -0.97
CA VAL B 102 4.73 4.98 -2.26
C VAL B 102 3.20 5.10 -2.20
N ASP B 103 2.58 5.39 -3.34
CA ASP B 103 1.12 5.54 -3.33
C ASP B 103 0.47 4.42 -4.14
N TYR B 104 -0.68 3.95 -3.65
CA TYR B 104 -1.53 2.99 -4.32
C TYR B 104 -2.78 3.73 -4.78
N PHE B 105 -3.02 3.76 -6.09
CA PHE B 105 -4.12 4.53 -6.67
C PHE B 105 -4.97 3.56 -7.48
N ALA B 106 -6.10 3.14 -6.92
CA ALA B 106 -7.02 2.22 -7.56
C ALA B 106 -8.23 3.03 -8.02
N VAL B 107 -8.48 3.03 -9.34
CA VAL B 107 -9.36 4.02 -9.94
C VAL B 107 -10.36 3.35 -10.86
N LYS B 108 -11.55 3.95 -10.99
CA LYS B 108 -12.53 3.45 -11.96
C LYS B 108 -12.07 3.65 -13.39
N GLU B 109 -11.22 4.65 -13.64
CA GLU B 109 -10.82 5.01 -15.00
C GLU B 109 -9.60 5.90 -14.93
N PRO B 110 -8.75 5.90 -15.96
CA PRO B 110 -7.57 6.79 -15.98
C PRO B 110 -7.91 8.19 -16.47
N ASN B 111 -8.60 8.95 -15.64
CA ASN B 111 -9.01 10.30 -16.02
C ASN B 111 -7.86 11.27 -15.83
N GLU B 112 -7.41 11.87 -16.93
CA GLU B 112 -6.19 12.68 -16.88
C GLU B 112 -6.38 13.92 -16.00
N GLU B 113 -7.56 14.53 -16.00
CA GLU B 113 -7.75 15.73 -15.19
C GLU B 113 -7.73 15.39 -13.69
N VAL B 114 -8.38 14.30 -13.30
CA VAL B 114 -8.34 13.85 -11.90
C VAL B 114 -6.89 13.61 -11.46
N PHE B 115 -6.12 12.86 -12.27
CA PHE B 115 -4.74 12.55 -11.92
C PHE B 115 -3.91 13.82 -11.79
N LYS B 116 -4.18 14.83 -12.62
CA LYS B 116 -3.46 16.08 -12.56
C LYS B 116 -3.74 16.81 -11.24
N GLN B 117 -5.00 16.81 -10.80
CA GLN B 117 -5.35 17.42 -9.52
C GLN B 117 -4.73 16.66 -8.35
N VAL B 118 -4.86 15.33 -8.36
CA VAL B 118 -4.25 14.53 -7.29
C VAL B 118 -2.78 14.85 -7.16
N ALA B 119 -2.09 15.03 -8.29
CA ALA B 119 -0.66 15.30 -8.27
C ALA B 119 -0.33 16.59 -7.53
N LYS B 120 -1.21 17.59 -7.60
CA LYS B 120 -0.95 18.86 -6.91
C LYS B 120 -0.90 18.65 -5.40
N GLY B 121 -1.89 17.97 -4.84
CA GLY B 121 -1.91 17.74 -3.41
C GLY B 121 -0.79 16.82 -2.95
N LEU B 122 -0.42 15.83 -3.78
CA LEU B 122 0.72 14.99 -3.47
C LEU B 122 1.98 15.81 -3.24
N TYR B 123 2.23 16.81 -4.11
CA TYR B 123 3.45 17.58 -3.92
C TYR B 123 3.38 18.41 -2.65
N LYS B 124 2.22 19.04 -2.41
CA LYS B 124 2.07 19.90 -1.24
C LYS B 124 2.26 19.11 0.04
N GLY B 125 1.65 17.93 0.15
CA GLY B 125 1.84 17.12 1.34
C GLY B 125 3.27 16.64 1.50
N ALA B 126 3.91 16.23 0.39
CA ALA B 126 5.27 15.72 0.48
C ALA B 126 6.24 16.78 0.97
N GLU B 127 6.10 18.01 0.48
CA GLU B 127 7.03 19.07 0.89
C GLU B 127 6.84 19.41 2.37
N GLU B 128 5.60 19.51 2.82
CA GLU B 128 5.37 19.81 4.23
C GLU B 128 5.83 18.66 5.14
N ALA B 129 5.71 17.41 4.69
CA ALA B 129 6.15 16.29 5.51
C ALA B 129 7.65 16.00 5.38
N GLY B 130 8.31 16.54 4.36
CA GLY B 130 9.71 16.27 4.12
C GLY B 130 10.02 14.89 3.59
N VAL B 131 9.12 14.29 2.81
CA VAL B 131 9.33 12.95 2.32
C VAL B 131 9.36 12.97 0.80
N ALA B 132 10.05 12.00 0.23
CA ALA B 132 10.01 11.77 -1.22
C ALA B 132 8.94 10.73 -1.53
N ILE B 133 8.20 10.95 -2.61
CA ILE B 133 7.32 9.94 -3.21
C ILE B 133 8.15 9.18 -4.24
N VAL B 134 8.41 7.91 -3.99
CA VAL B 134 9.47 7.20 -4.68
C VAL B 134 8.93 6.17 -5.66
N GLY B 135 7.63 5.98 -5.70
CA GLY B 135 7.05 5.01 -6.60
C GLY B 135 5.59 4.83 -6.23
N GLY B 136 5.00 3.80 -6.81
CA GLY B 136 3.61 3.55 -6.56
C GLY B 136 3.06 2.53 -7.54
N GLU B 137 1.73 2.43 -7.53
CA GLU B 137 0.99 1.43 -8.27
C GLU B 137 -0.32 2.06 -8.69
N THR B 138 -0.72 1.85 -9.94
CA THR B 138 -1.99 2.39 -10.44
C THR B 138 -2.79 1.24 -11.04
N ALA B 139 -3.99 1.03 -10.51
CA ALA B 139 -4.83 -0.09 -10.93
C ALA B 139 -6.16 0.46 -11.44
N VAL B 140 -6.42 0.26 -12.73
CA VAL B 140 -7.70 0.64 -13.34
C VAL B 140 -8.63 -0.57 -13.22
N MET B 141 -9.70 -0.42 -12.44
CA MET B 141 -10.49 -1.56 -11.99
C MET B 141 -11.94 -1.13 -11.82
N PRO B 142 -12.63 -0.77 -12.92
CA PRO B 142 -14.01 -0.29 -12.78
C PRO B 142 -14.99 -1.32 -12.25
N ASP B 143 -14.75 -2.63 -12.43
CA ASP B 143 -15.66 -3.59 -11.83
C ASP B 143 -15.54 -3.61 -10.31
N LEU B 144 -14.43 -3.13 -9.76
CA LEU B 144 -14.15 -3.25 -8.35
C LEU B 144 -14.23 -1.93 -7.59
N ILE B 145 -13.95 -0.80 -8.24
CA ILE B 145 -13.80 0.49 -7.58
C ILE B 145 -14.82 1.47 -8.13
N ASN B 146 -15.60 2.08 -7.24
CA ASN B 146 -16.61 3.08 -7.61
C ASN B 146 -16.09 4.50 -7.46
N GLY B 147 -14.82 4.76 -7.77
CA GLY B 147 -14.28 6.09 -7.55
C GLY B 147 -12.78 6.09 -7.73
N TYR B 148 -12.11 6.93 -6.95
CA TYR B 148 -10.65 7.09 -7.03
C TYR B 148 -10.10 6.84 -5.63
N ASP B 149 -9.73 5.59 -5.33
CA ASP B 149 -9.26 5.21 -4.00
C ASP B 149 -7.75 5.43 -3.92
N LEU B 150 -7.32 6.20 -2.93
CA LEU B 150 -5.92 6.58 -2.83
C LEU B 150 -5.40 6.17 -1.45
N ALA B 151 -4.33 5.39 -1.43
CA ALA B 151 -3.68 4.94 -0.22
C ALA B 151 -2.18 5.02 -0.44
N GLY B 152 -1.42 4.64 0.58
CA GLY B 152 0.02 4.71 0.44
C GLY B 152 0.69 3.95 1.57
N THR B 153 1.99 3.79 1.43
CA THR B 153 2.83 3.17 2.45
C THR B 153 4.04 4.05 2.66
N ALA B 154 4.39 4.31 3.91
CA ALA B 154 5.49 5.20 4.20
C ALA B 154 6.51 4.48 5.06
N ILE B 155 7.78 4.88 4.92
CA ILE B 155 8.80 4.34 5.82
C ILE B 155 9.51 5.50 6.51
N GLY B 156 9.94 5.25 7.74
CA GLY B 156 10.67 6.21 8.54
C GLY B 156 11.79 5.51 9.28
N ILE B 157 12.61 6.30 9.96
CA ILE B 157 13.77 5.76 10.66
C ILE B 157 13.74 6.23 12.10
N VAL B 158 14.10 5.35 13.02
CA VAL B 158 14.25 5.72 14.42
C VAL B 158 15.46 5.01 15.01
N GLU B 159 16.32 5.76 15.68
CA GLU B 159 17.51 5.19 16.28
C GLU B 159 17.14 4.24 17.42
N LYS B 160 17.91 3.14 17.56
CA LYS B 160 17.72 2.27 18.72
C LYS B 160 17.84 3.09 20.00
N GLY B 161 16.97 2.81 20.96
CA GLY B 161 16.92 3.56 22.19
C GLY B 161 16.04 4.79 22.15
N LYS B 162 15.55 5.19 20.98
CA LYS B 162 14.71 6.38 20.86
C LYS B 162 13.29 6.06 20.41
N VAL B 163 12.88 4.79 20.46
CA VAL B 163 11.52 4.45 20.06
C VAL B 163 10.54 4.95 21.11
N ILE B 164 9.41 5.49 20.67
CA ILE B 164 8.36 5.99 21.55
C ILE B 164 7.08 5.19 21.28
N THR B 165 6.80 4.22 22.13
CA THR B 165 5.65 3.34 21.98
C THR B 165 4.51 3.64 22.94
N GLY B 166 4.77 4.36 24.03
CA GLY B 166 3.82 4.48 25.11
C GLY B 166 4.18 3.69 26.35
N GLU B 167 5.13 2.76 26.28
CA GLU B 167 5.45 1.98 27.49
C GLU B 167 6.00 2.86 28.59
N ARG B 168 6.58 4.01 28.27
CA ARG B 168 7.07 4.90 29.32
C ARG B 168 5.99 5.77 29.93
N ILE B 169 4.76 5.72 29.42
CA ILE B 169 3.68 6.52 30.01
C ILE B 169 3.44 6.07 31.44
N ARG B 170 3.37 7.02 32.36
CA ARG B 170 3.07 6.67 33.74
C ARG B 170 1.98 7.58 34.29
N PRO B 171 1.21 7.11 35.27
CA PRO B 171 0.25 7.98 35.93
C PRO B 171 0.91 9.29 36.37
N GLY B 172 0.15 10.38 36.27
CA GLY B 172 0.66 11.71 36.52
C GLY B 172 1.16 12.45 35.31
N ASP B 173 1.49 11.73 34.22
CA ASP B 173 1.98 12.39 33.02
C ASP B 173 0.95 13.37 32.47
N SER B 174 1.46 14.39 31.78
CA SER B 174 0.65 15.42 31.16
C SER B 174 0.22 14.98 29.75
N VAL B 175 -1.03 15.28 29.40
CA VAL B 175 -1.59 14.94 28.09
C VAL B 175 -1.89 16.24 27.36
N ILE B 176 -1.27 16.43 26.19
CA ILE B 176 -1.37 17.67 25.43
C ILE B 176 -1.95 17.34 24.05
N GLY B 177 -2.92 18.13 23.61
CA GLY B 177 -3.53 17.95 22.29
C GLY B 177 -3.11 19.04 21.32
N ILE B 178 -2.87 18.66 20.07
CA ILE B 178 -2.66 19.61 18.99
C ILE B 178 -3.93 19.63 18.15
N SER B 179 -4.45 20.83 17.88
CA SER B 179 -5.68 20.96 17.13
C SER B 179 -5.57 20.28 15.77
N SER B 180 -6.68 19.72 15.33
CA SER B 180 -6.81 19.25 13.96
C SER B 180 -7.16 20.43 13.04
N SER B 181 -6.98 20.22 11.73
CA SER B 181 -7.46 21.21 10.79
C SER B 181 -8.96 21.10 10.55
N GLY B 182 -9.58 20.06 11.05
CA GLY B 182 -10.97 19.77 10.75
C GLY B 182 -11.23 18.29 10.93
N ILE B 183 -12.12 17.77 10.09
CA ILE B 183 -12.55 16.36 10.17
C ILE B 183 -11.44 15.38 9.83
N HIS B 184 -10.38 15.82 9.14
CA HIS B 184 -9.27 14.95 8.70
C HIS B 184 -9.87 13.85 7.84
N SER B 185 -9.57 12.56 8.10
CA SER B 185 -9.94 11.47 7.21
C SER B 185 -10.60 10.33 7.97
N ALA B 186 -11.37 10.63 9.01
CA ALA B 186 -11.97 9.57 9.83
C ALA B 186 -13.42 9.91 10.08
N GLY B 187 -14.30 8.94 9.85
CA GLY B 187 -15.72 9.12 10.07
C GLY B 187 -16.45 9.73 8.90
N LEU B 188 -15.84 9.79 7.72
CA LEU B 188 -16.49 10.42 6.60
C LEU B 188 -17.72 9.64 6.15
N THR B 189 -17.76 8.33 6.41
CA THR B 189 -18.93 7.56 5.98
C THR B 189 -20.17 8.01 6.73
N LEU B 190 -20.05 8.24 8.04
CA LEU B 190 -21.16 8.79 8.83
C LEU B 190 -21.52 10.20 8.37
N ALA B 191 -20.52 11.06 8.19
CA ALA B 191 -20.78 12.45 7.85
C ALA B 191 -21.43 12.59 6.47
N ARG B 192 -20.90 11.86 5.48
CA ARG B 192 -21.51 11.82 4.15
C ARG B 192 -22.97 11.40 4.21
N LYS B 193 -23.24 10.26 4.85
CA LYS B 193 -24.56 9.64 4.78
C LYS B 193 -25.58 10.42 5.60
N LEU B 194 -25.12 11.10 6.63
CA LEU B 194 -26.01 11.86 7.50
C LEU B 194 -26.32 13.24 6.93
N LEU B 195 -25.32 13.90 6.34
CA LEU B 195 -25.47 15.32 6.03
C LEU B 195 -25.80 15.60 4.57
N ILE B 196 -25.25 14.85 3.64
CA ILE B 196 -25.35 15.26 2.23
C ILE B 196 -26.80 15.13 1.73
N PRO B 197 -27.53 14.04 2.00
CA PRO B 197 -28.92 13.98 1.50
C PRO B 197 -29.80 15.12 2.00
N LYS B 198 -29.63 15.52 3.26
CA LYS B 198 -30.48 16.54 3.86
C LYS B 198 -30.08 17.94 3.42
N TYR B 199 -28.79 18.23 3.41
CA TYR B 199 -28.30 19.59 3.18
C TYR B 199 -27.72 19.84 1.80
N GLY B 200 -27.11 18.83 1.17
CA GLY B 200 -26.37 19.03 -0.07
C GLY B 200 -24.99 19.61 0.14
N LEU B 201 -24.04 19.31 -0.75
CA LEU B 201 -22.66 19.77 -0.53
C LEU B 201 -22.51 21.28 -0.66
N ASP B 202 -23.50 21.99 -1.20
CA ASP B 202 -23.48 23.43 -1.34
C ASP B 202 -24.03 24.16 -0.10
N TYR B 203 -24.52 23.43 0.89
CA TYR B 203 -25.11 24.05 2.07
C TYR B 203 -24.07 24.87 2.83
N GLU B 204 -24.42 26.09 3.19
CA GLU B 204 -23.50 26.94 3.93
C GLU B 204 -23.75 26.82 5.42
N TYR B 205 -22.70 26.52 6.17
CA TYR B 205 -22.80 26.37 7.62
C TYR B 205 -21.64 27.11 8.25
N GLU B 206 -21.95 28.13 9.06
CA GLU B 206 -20.94 28.91 9.76
C GLU B 206 -19.83 29.38 8.82
N GLY B 207 -20.25 29.89 7.66
CA GLY B 207 -19.35 30.58 6.78
C GLY B 207 -18.66 29.73 5.74
N ARG B 208 -18.84 28.41 5.75
CA ARG B 208 -18.21 27.53 4.78
C ARG B 208 -19.24 26.58 4.20
N LYS B 209 -19.04 26.20 2.93
CA LYS B 209 -19.90 25.20 2.34
C LYS B 209 -19.59 23.83 2.91
N LEU B 210 -20.59 22.95 2.88
CA LEU B 210 -20.41 21.62 3.45
C LEU B 210 -19.25 20.88 2.80
N TRP B 211 -19.07 21.02 1.48
CA TRP B 211 -17.94 20.32 0.88
C TRP B 211 -16.61 20.84 1.41
N GLU B 212 -16.55 22.12 1.78
CA GLU B 212 -15.33 22.65 2.37
C GLU B 212 -15.07 22.03 3.73
N TRP B 213 -16.12 21.87 4.54
CA TRP B 213 -15.97 21.20 5.83
C TRP B 213 -15.50 19.77 5.65
N LEU B 214 -16.05 19.06 4.67
CA LEU B 214 -15.73 17.66 4.52
C LEU B 214 -14.41 17.41 3.80
N LEU B 215 -13.91 18.37 3.01
CA LEU B 215 -12.70 18.13 2.23
C LEU B 215 -11.47 18.85 2.77
N GLU B 216 -11.61 19.61 3.84
CA GLU B 216 -10.44 20.28 4.39
C GLU B 216 -9.32 19.28 4.63
N PRO B 217 -8.12 19.51 4.08
CA PRO B 217 -7.08 18.47 4.16
C PRO B 217 -6.57 18.23 5.58
N THR B 218 -6.28 16.97 5.85
CA THR B 218 -5.68 16.53 7.10
C THR B 218 -4.39 17.29 7.41
N ARG B 219 -4.26 17.72 8.66
CA ARG B 219 -3.07 18.42 9.12
C ARG B 219 -1.88 17.48 9.20
N ILE B 220 -0.69 18.00 8.87
CA ILE B 220 0.56 17.25 8.94
C ILE B 220 1.35 17.71 10.17
N TYR B 221 1.75 16.76 11.01
CA TYR B 221 2.36 17.08 12.31
C TYR B 221 3.85 16.83 12.37
N VAL B 222 4.51 16.62 11.23
CA VAL B 222 5.92 16.20 11.24
C VAL B 222 6.81 17.28 11.88
N ARG B 223 6.68 18.52 11.43
CA ARG B 223 7.57 19.57 11.93
C ARG B 223 7.41 19.81 13.43
N PRO B 224 6.21 19.98 13.99
CA PRO B 224 6.14 20.18 15.45
C PRO B 224 6.58 18.95 16.25
N ILE B 225 6.21 17.75 15.81
CA ILE B 225 6.55 16.57 16.61
C ILE B 225 8.05 16.30 16.56
N LEU B 226 8.68 16.48 15.39
CA LEU B 226 10.13 16.24 15.34
C LEU B 226 10.88 17.26 16.20
N GLU B 227 10.43 18.52 16.21
CA GLU B 227 11.05 19.48 17.12
C GLU B 227 10.82 19.08 18.58
N LEU B 228 9.60 18.63 18.89
CA LEU B 228 9.27 18.23 20.25
C LEU B 228 10.15 17.09 20.74
N ILE B 229 10.25 16.00 19.97
CA ILE B 229 10.96 14.84 20.50
C ILE B 229 12.45 15.09 20.57
N ASN B 230 12.97 16.09 19.87
CA ASN B 230 14.37 16.44 20.00
C ASN B 230 14.62 17.50 21.07
N SER B 231 13.59 17.95 21.76
CA SER B 231 13.74 18.99 22.76
C SER B 231 13.40 18.56 24.18
N VAL B 232 12.41 17.68 24.35
CA VAL B 232 11.91 17.29 25.67
C VAL B 232 11.73 15.79 25.70
N GLU B 233 11.58 15.26 26.90
CA GLU B 233 11.29 13.85 27.08
C GLU B 233 9.84 13.58 26.68
N VAL B 234 9.62 12.64 25.78
CA VAL B 234 8.28 12.33 25.32
C VAL B 234 7.98 10.88 25.65
N HIS B 235 6.84 10.63 26.28
CA HIS B 235 6.45 9.28 26.70
C HIS B 235 5.47 8.60 25.76
N GLY B 236 4.65 9.35 25.03
CA GLY B 236 3.72 8.73 24.09
C GLY B 236 3.27 9.70 23.04
N LEU B 237 2.90 9.16 21.88
CA LEU B 237 2.47 9.95 20.73
C LEU B 237 1.31 9.22 20.05
N ALA B 238 0.21 9.92 19.79
CA ALA B 238 -0.98 9.30 19.20
C ALA B 238 -1.60 10.21 18.16
N HIS B 239 -1.68 9.70 16.94
CA HIS B 239 -2.37 10.36 15.84
C HIS B 239 -3.85 9.96 15.92
N ILE B 240 -4.74 10.96 15.94
CA ILE B 240 -6.14 10.66 16.24
C ILE B 240 -6.83 10.36 14.90
N THR B 241 -6.95 9.06 14.60
CA THR B 241 -7.56 8.60 13.35
C THR B 241 -8.84 7.84 13.71
N GLY B 242 -9.13 6.77 12.98
CA GLY B 242 -10.27 5.93 13.32
C GLY B 242 -10.28 5.55 14.79
N GLY B 243 -11.46 5.58 15.41
CA GLY B 243 -11.57 5.33 16.83
C GLY B 243 -11.50 6.56 17.72
N GLY B 244 -11.10 7.70 17.18
CA GLY B 244 -11.06 8.93 17.96
C GLY B 244 -10.16 8.79 19.18
N LEU B 245 -10.68 9.21 20.35
CA LEU B 245 -9.89 9.16 21.57
C LEU B 245 -9.54 7.72 21.99
N LEU B 246 -10.24 6.71 21.46
CA LEU B 246 -9.87 5.32 21.75
C LEU B 246 -8.44 5.01 21.35
N ASN B 247 -7.84 5.79 20.44
CA ASN B 247 -6.47 5.51 20.06
C ASN B 247 -5.51 5.61 21.24
N LEU B 248 -5.86 6.40 22.27
CA LEU B 248 -4.98 6.50 23.44
C LEU B 248 -4.81 5.16 24.14
N LYS B 249 -5.86 4.32 24.12
CA LYS B 249 -5.78 3.01 24.75
C LYS B 249 -4.74 2.10 24.09
N ARG B 250 -4.30 2.42 22.87
CA ARG B 250 -3.26 1.64 22.23
C ARG B 250 -1.87 1.92 22.79
N LEU B 251 -1.70 3.08 23.44
CA LEU B 251 -0.42 3.45 24.01
C LEU B 251 -0.19 2.85 25.40
N THR B 252 -1.26 2.59 26.14
CA THR B 252 -1.10 2.34 27.58
C THR B 252 -2.40 1.76 28.12
N ASN B 253 -2.27 1.04 29.23
CA ASN B 253 -3.44 0.60 29.97
C ASN B 253 -3.84 1.54 31.09
N TYR B 254 -3.01 2.54 31.40
CA TYR B 254 -3.42 3.55 32.37
C TYR B 254 -4.55 4.41 31.80
N GLY B 255 -5.30 5.01 32.71
CA GLY B 255 -6.43 5.83 32.32
C GLY B 255 -6.04 7.25 31.99
N PHE B 256 -7.02 8.01 31.52
CA PHE B 256 -6.85 9.39 31.10
C PHE B 256 -7.98 10.21 31.68
N GLU B 257 -7.65 11.41 32.15
CA GLU B 257 -8.64 12.39 32.62
C GLU B 257 -8.46 13.65 31.78
N LEU B 258 -9.43 13.93 30.91
CA LEU B 258 -9.25 14.94 29.88
C LEU B 258 -10.38 15.95 29.87
N GLU B 259 -10.03 17.16 29.45
CA GLU B 259 -11.00 18.16 29.03
C GLU B 259 -10.79 18.47 27.56
N MET B 260 -11.86 18.37 26.80
CA MET B 260 -11.78 18.40 25.36
C MET B 260 -12.26 19.77 24.88
N PRO B 261 -11.79 20.25 23.72
CA PRO B 261 -12.18 21.59 23.27
C PRO B 261 -13.67 21.70 23.01
N PRO B 262 -14.21 22.92 22.94
CA PRO B 262 -15.63 23.09 22.59
C PRO B 262 -15.95 22.48 21.24
N ILE B 263 -17.19 22.03 21.10
CA ILE B 263 -17.62 21.41 19.84
C ILE B 263 -17.93 22.53 18.85
N GLU B 264 -17.19 22.59 17.76
CA GLU B 264 -17.34 23.66 16.78
C GLU B 264 -17.46 23.10 15.38
N GLY B 265 -17.90 23.95 14.46
CA GLY B 265 -17.77 23.66 13.04
C GLY B 265 -18.50 22.39 12.64
N ILE B 266 -17.83 21.54 11.85
CA ILE B 266 -18.50 20.38 11.30
C ILE B 266 -18.92 19.41 12.40
N PHE B 267 -18.15 19.33 13.49
CA PHE B 267 -18.55 18.43 14.56
C PHE B 267 -19.85 18.88 15.21
N LYS B 268 -20.06 20.20 15.31
CA LYS B 268 -21.31 20.69 15.88
C LYS B 268 -22.50 20.35 14.99
N LEU B 269 -22.35 20.52 13.67
CA LEU B 269 -23.43 20.17 12.75
C LEU B 269 -23.78 18.69 12.85
N ILE B 270 -22.77 17.82 12.86
CA ILE B 270 -23.03 16.39 13.00
C ILE B 270 -23.77 16.09 14.30
N HIS B 271 -23.33 16.69 15.40
CA HIS B 271 -23.99 16.46 16.69
C HIS B 271 -25.43 16.98 16.68
N GLU B 272 -25.66 18.16 16.11
CA GLU B 272 -27.01 18.71 16.03
C GLU B 272 -27.92 17.85 15.17
N ASN B 273 -27.36 16.98 14.34
CA ASN B 273 -28.17 16.10 13.52
C ASN B 273 -28.32 14.71 14.13
N GLY B 274 -28.01 14.56 15.41
CA GLY B 274 -28.45 13.41 16.15
C GLY B 274 -27.41 12.40 16.57
N VAL B 275 -26.13 12.63 16.29
CA VAL B 275 -25.11 11.68 16.75
C VAL B 275 -24.74 12.03 18.18
N PRO B 276 -24.90 11.10 19.11
CA PRO B 276 -24.61 11.42 20.52
C PRO B 276 -23.13 11.64 20.75
N LEU B 277 -22.82 12.46 21.77
CA LEU B 277 -21.45 12.86 22.02
C LEU B 277 -20.54 11.67 22.28
N ASP B 278 -21.05 10.62 22.92
CA ASP B 278 -20.16 9.51 23.25
C ASP B 278 -19.76 8.75 21.98
N GLU B 279 -20.67 8.59 21.03
CA GLU B 279 -20.28 8.05 19.73
C GLU B 279 -19.33 8.99 19.02
N MET B 280 -19.55 10.29 19.16
CA MET B 280 -18.76 11.25 18.40
C MET B 280 -17.30 11.22 18.85
N PHE B 281 -17.04 11.03 20.14
CA PHE B 281 -15.67 10.96 20.61
C PHE B 281 -14.98 9.65 20.25
N ARG B 282 -15.71 8.62 19.85
CA ARG B 282 -15.06 7.42 19.34
C ARG B 282 -15.02 7.32 17.81
N VAL B 283 -15.50 8.34 17.09
CA VAL B 283 -15.49 8.35 15.62
C VAL B 283 -14.65 9.50 15.08
N PHE B 284 -14.91 10.71 15.54
CA PHE B 284 -14.30 11.92 15.00
C PHE B 284 -13.20 12.42 15.92
N ASN B 285 -12.29 13.24 15.35
CA ASN B 285 -11.21 13.75 16.19
C ASN B 285 -11.67 14.87 17.12
N MET B 286 -12.81 15.49 16.82
CA MET B 286 -13.48 16.45 17.71
C MET B 286 -12.61 17.68 17.99
N GLY B 287 -11.73 18.04 17.05
CA GLY B 287 -10.89 19.20 17.20
C GLY B 287 -9.46 18.93 17.61
N VAL B 288 -9.12 17.69 17.95
CA VAL B 288 -7.76 17.34 18.40
C VAL B 288 -7.20 16.28 17.45
N GLY B 289 -6.15 16.63 16.71
CA GLY B 289 -5.70 15.70 15.68
C GLY B 289 -4.53 14.84 16.10
N PHE B 290 -3.88 15.20 17.20
CA PHE B 290 -2.65 14.52 17.60
C PHE B 290 -2.48 14.79 19.09
N ILE B 291 -2.10 13.75 19.83
CA ILE B 291 -1.98 13.87 21.28
C ILE B 291 -0.59 13.41 21.68
N VAL B 292 0.05 14.16 22.59
CA VAL B 292 1.36 13.79 23.12
C VAL B 292 1.24 13.66 24.62
N VAL B 293 2.03 12.76 25.17
CA VAL B 293 2.06 12.51 26.61
C VAL B 293 3.48 12.77 27.05
N VAL B 294 3.66 13.71 27.98
CA VAL B 294 5.00 14.09 28.41
C VAL B 294 5.00 14.10 29.94
N PRO B 295 6.14 13.89 30.60
CA PRO B 295 6.18 14.11 32.06
C PRO B 295 5.86 15.56 32.39
N GLN B 296 5.30 15.76 33.59
CA GLN B 296 4.78 17.08 33.96
C GLN B 296 5.85 18.16 33.92
N GLU B 297 7.10 17.81 34.23
CA GLU B 297 8.12 18.85 34.22
C GLU B 297 8.47 19.33 32.81
N GLU B 298 8.05 18.62 31.77
CA GLU B 298 8.26 19.06 30.40
C GLU B 298 7.05 19.80 29.82
N LYS B 299 5.94 19.86 30.55
CA LYS B 299 4.67 20.30 29.98
C LYS B 299 4.76 21.73 29.43
N GLU B 300 5.36 22.65 30.19
CA GLU B 300 5.37 24.04 29.75
C GLU B 300 6.22 24.22 28.50
N GLU B 301 7.40 23.58 28.44
CA GLU B 301 8.22 23.68 27.24
C GLU B 301 7.56 22.96 26.07
N ALA B 302 6.88 21.84 26.33
CA ALA B 302 6.20 21.14 25.23
C ALA B 302 5.10 22.01 24.63
N LEU B 303 4.30 22.67 25.47
CA LEU B 303 3.27 23.54 24.93
C LEU B 303 3.86 24.69 24.14
N GLU B 304 4.97 25.23 24.61
CA GLU B 304 5.60 26.34 23.90
C GLU B 304 6.04 25.91 22.51
N ILE B 305 6.70 24.76 22.40
CA ILE B 305 7.15 24.26 21.09
C ILE B 305 5.95 24.01 20.18
N LEU B 306 4.95 23.28 20.67
CA LEU B 306 3.81 22.92 19.82
C LEU B 306 3.02 24.14 19.40
N SER B 307 2.82 25.10 20.32
CA SER B 307 2.01 26.28 20.03
C SER B 307 2.64 27.17 18.96
N ARG B 308 3.95 27.06 18.73
CA ARG B 308 4.55 27.82 17.65
C ARG B 308 4.15 27.29 16.27
N HIS B 309 3.61 26.07 16.22
CA HIS B 309 3.21 25.44 14.96
C HIS B 309 1.71 25.46 14.74
N TYR B 310 0.95 25.04 15.76
CA TYR B 310 -0.50 24.95 15.69
C TYR B 310 -1.07 25.21 17.07
N LYS B 311 -2.32 25.66 17.10
CA LYS B 311 -3.05 25.79 18.36
C LYS B 311 -2.99 24.48 19.13
N SER B 312 -2.53 24.56 20.37
CA SER B 312 -2.32 23.36 21.17
C SER B 312 -2.88 23.60 22.56
N TYR B 313 -3.29 22.53 23.23
CA TYR B 313 -4.04 22.58 24.48
C TYR B 313 -3.45 21.60 25.49
N GLU B 314 -3.36 22.01 26.75
CA GLU B 314 -3.22 21.01 27.80
C GLU B 314 -4.58 20.34 27.99
N LEU B 315 -4.64 19.02 27.75
CA LEU B 315 -5.91 18.31 27.86
C LEU B 315 -6.15 17.72 29.24
N GLY B 316 -5.11 17.23 29.90
CA GLY B 316 -5.33 16.58 31.18
C GLY B 316 -4.16 15.73 31.58
N ASN B 317 -4.44 14.59 32.21
CA ASN B 317 -3.40 13.82 32.87
C ASN B 317 -3.67 12.34 32.70
N VAL B 318 -2.61 11.57 32.78
CA VAL B 318 -2.73 10.13 32.91
C VAL B 318 -3.05 9.78 34.35
N THR B 319 -3.90 8.79 34.57
CA THR B 319 -4.35 8.44 35.91
C THR B 319 -3.84 7.05 36.31
N ARG B 320 -3.59 6.88 37.62
CA ARG B 320 -3.29 5.56 38.15
C ARG B 320 -4.44 4.60 37.88
N GLU B 321 -5.66 5.09 37.98
CA GLU B 321 -6.83 4.32 37.59
C GLU B 321 -6.69 3.88 36.14
N LEU B 322 -7.03 2.62 35.87
CA LEU B 322 -6.75 1.98 34.58
C LEU B 322 -7.92 2.07 33.63
N GLY B 323 -7.60 1.99 32.33
CA GLY B 323 -8.55 1.65 31.29
C GLY B 323 -9.58 2.67 30.84
N LYS B 324 -9.84 3.68 31.67
CA LYS B 324 -10.94 4.62 31.40
C LYS B 324 -10.40 5.90 30.78
N ILE B 325 -11.15 6.44 29.82
CA ILE B 325 -10.87 7.78 29.29
C ILE B 325 -12.05 8.65 29.71
N LYS B 326 -11.84 9.51 30.68
CA LYS B 326 -12.90 10.40 31.15
C LYS B 326 -12.74 11.77 30.49
N VAL B 327 -13.77 12.16 29.74
CA VAL B 327 -13.85 13.52 29.20
C VAL B 327 -14.72 14.28 30.19
N LYS B 328 -14.07 14.97 31.13
CA LYS B 328 -14.76 15.47 32.32
C LYS B 328 -15.74 16.58 31.98
N ASN B 329 -15.39 17.46 31.03
CA ASN B 329 -16.25 18.61 30.73
C ASN B 329 -17.42 18.26 29.83
N TYR B 330 -17.51 17.03 29.33
CA TYR B 330 -18.71 16.56 28.65
C TYR B 330 -19.41 15.45 29.41
N GLY B 331 -18.90 15.05 30.57
CA GLY B 331 -19.51 13.99 31.35
C GLY B 331 -19.50 12.64 30.66
N ILE B 332 -18.48 12.36 29.85
CA ILE B 332 -18.41 11.15 29.05
C ILE B 332 -17.24 10.30 29.55
N THR B 333 -17.45 9.00 29.68
CA THR B 333 -16.38 8.06 29.96
C THR B 333 -16.32 7.06 28.84
N LEU B 334 -15.16 6.94 28.19
CA LEU B 334 -14.93 5.92 27.17
C LEU B 334 -14.13 4.75 27.76
#